data_4NF1
#
_entry.id   4NF1
#
_cell.length_a   63.871
_cell.length_b   123.350
_cell.length_c   76.659
_cell.angle_alpha   90.00
_cell.angle_beta   107.62
_cell.angle_gamma   90.00
#
_symmetry.space_group_name_H-M   'P 1 21 1'
#
loop_
_entity.id
_entity.type
_entity.pdbx_description
1 polymer 'Acetylglutamate kinase'
2 non-polymer N-ACETYL-L-GLUTAMATE
3 non-polymer GLYCEROL
4 non-polymer 'CHLORIDE ION'
5 water water
#
_entity_poly.entity_id   1
_entity_poly.type   'polypeptide(L)'
_entity_poly.pdbx_seq_one_letter_code
;GSHMVIRATTWKDLDLPRLQHLIQSSFRRTLIPHYFETTPLLRAYVSENYRAAVILTKLGNVPYLDKFAVLDDAQGEGLG
RAVWSIMREETPQLFWRSRHNNQANAFYYAESDGYYKQDHWKIFWNGLHHFQQIQQCVAHCTQHPPTLID
;
_entity_poly.pdbx_strand_id   A,B,C,D,E,F,G,H
#
loop_
_chem_comp.id
_chem_comp.type
_chem_comp.name
_chem_comp.formula
CL non-polymer 'CHLORIDE ION' 'Cl -1'
GOL non-polymer GLYCEROL 'C3 H8 O3'
NLG non-polymer N-ACETYL-L-GLUTAMATE 'C7 H11 N O5'
#
# COMPACT_ATOMS: atom_id res chain seq x y z
N VAL A 5 9.67 -0.31 30.52
CA VAL A 5 10.48 -1.06 29.56
C VAL A 5 11.43 -1.99 30.30
N ILE A 6 11.40 -3.27 29.92
CA ILE A 6 12.27 -4.28 30.47
C ILE A 6 13.65 -4.16 29.85
N ARG A 7 14.68 -4.09 30.69
CA ARG A 7 16.06 -4.05 30.22
C ARG A 7 16.73 -5.36 30.60
N ALA A 8 17.28 -6.09 29.64
CA ALA A 8 17.91 -7.37 29.95
C ALA A 8 19.30 -7.48 29.34
N THR A 9 20.22 -8.07 30.08
CA THR A 9 21.55 -8.31 29.53
C THR A 9 21.83 -9.78 29.30
N THR A 10 20.83 -10.63 29.55
CA THR A 10 20.91 -12.05 29.26
C THR A 10 19.56 -12.52 28.78
N TRP A 11 19.55 -13.48 27.85
CA TRP A 11 18.29 -14.04 27.37
C TRP A 11 17.48 -14.67 28.50
N LYS A 12 18.16 -15.10 29.57
CA LYS A 12 17.49 -15.72 30.70
C LYS A 12 16.52 -14.78 31.38
N ASP A 13 16.68 -13.48 31.17
CA ASP A 13 15.84 -12.49 31.85
C ASP A 13 14.62 -12.10 31.01
N LEU A 14 14.43 -12.76 29.88
CA LEU A 14 13.29 -12.50 29.03
C LEU A 14 12.41 -13.74 28.82
N ASP A 15 11.16 -13.50 28.47
CA ASP A 15 10.22 -14.54 28.08
C ASP A 15 10.46 -14.81 26.59
N LEU A 16 11.27 -15.82 26.30
CA LEU A 16 11.71 -15.99 24.92
C LEU A 16 10.59 -16.42 23.96
N PRO A 17 9.67 -17.31 24.37
CA PRO A 17 8.58 -17.59 23.44
C PRO A 17 7.76 -16.35 23.10
N ARG A 18 7.54 -15.50 24.09
CA ARG A 18 6.77 -14.30 23.88
C ARG A 18 7.54 -13.31 22.99
N LEU A 19 8.86 -13.21 23.20
CA LEU A 19 9.69 -12.36 22.35
C LEU A 19 9.74 -12.88 20.91
N GLN A 20 9.82 -14.22 20.75
CA GLN A 20 9.77 -14.78 19.41
C GLN A 20 8.43 -14.43 18.73
N HIS A 21 7.33 -14.50 19.47
CA HIS A 21 6.05 -14.17 18.88
C HIS A 21 6.00 -12.70 18.45
N LEU A 22 6.54 -11.81 19.27
CA LEU A 22 6.62 -10.40 18.90
C LEU A 22 7.43 -10.19 17.62
N ILE A 23 8.60 -10.82 17.54
CA ILE A 23 9.43 -10.68 16.36
C ILE A 23 8.71 -11.22 15.12
N GLN A 24 8.14 -12.41 15.23
CA GLN A 24 7.46 -13.02 14.10
C GLN A 24 6.22 -12.24 13.67
N SER A 25 5.50 -11.69 14.63
CA SER A 25 4.31 -10.90 14.32
C SER A 25 4.68 -9.58 13.64
N SER A 26 5.75 -8.95 14.10
CA SER A 26 6.21 -7.66 13.56
CA SER A 26 6.11 -7.66 13.53
C SER A 26 6.74 -7.80 12.14
N PHE A 27 7.60 -8.80 11.94
CA PHE A 27 8.25 -9.00 10.65
C PHE A 27 7.41 -9.85 9.68
N ARG A 28 6.36 -10.49 10.18
CA ARG A 28 5.51 -11.40 9.42
C ARG A 28 6.34 -12.50 8.75
N ARG A 29 7.35 -12.98 9.49
CA ARG A 29 8.16 -14.10 9.06
C ARG A 29 8.53 -14.96 10.24
N THR A 30 9.28 -16.01 10.00
CA THR A 30 9.65 -16.95 11.06
C THR A 30 11.06 -16.63 11.57
N LEU A 31 11.25 -16.66 12.88
CA LEU A 31 12.57 -16.50 13.47
C LEU A 31 13.34 -17.81 13.29
N ILE A 32 14.58 -17.72 12.86
CA ILE A 32 15.36 -18.91 12.57
C ILE A 32 15.49 -19.78 13.82
N PRO A 33 15.38 -21.12 13.65
CA PRO A 33 15.62 -21.99 14.80
C PRO A 33 16.95 -21.69 15.49
N HIS A 34 16.95 -21.80 16.80
CA HIS A 34 18.13 -21.60 17.65
C HIS A 34 18.63 -20.18 17.69
N TYR A 35 17.84 -19.22 17.22
CA TYR A 35 18.23 -17.81 17.29
C TYR A 35 18.76 -17.41 18.67
N PHE A 36 17.99 -17.64 19.72
CA PHE A 36 18.45 -17.17 21.03
C PHE A 36 19.69 -17.91 21.52
N GLU A 37 19.83 -19.17 21.12
CA GLU A 37 20.97 -19.97 21.52
C GLU A 37 22.27 -19.58 20.81
N THR A 38 22.16 -18.97 19.63
CA THR A 38 23.32 -18.73 18.80
C THR A 38 23.69 -17.24 18.73
N THR A 39 22.84 -16.37 19.27
CA THR A 39 23.00 -14.92 19.14
C THR A 39 23.59 -14.36 20.42
N PRO A 40 24.76 -13.69 20.35
CA PRO A 40 25.38 -13.11 21.54
C PRO A 40 24.70 -11.78 21.91
N LEU A 41 23.85 -11.83 22.92
CA LEU A 41 23.14 -10.64 23.37
C LEU A 41 24.07 -9.62 24.01
N LEU A 42 23.90 -8.35 23.66
CA LEU A 42 24.52 -7.26 24.41
C LEU A 42 23.49 -6.74 25.43
N ARG A 43 22.40 -6.17 24.90
CA ARG A 43 21.29 -5.64 25.71
C ARG A 43 20.03 -5.75 24.92
N ALA A 44 18.92 -6.10 25.56
CA ALA A 44 17.60 -6.00 24.95
C ALA A 44 16.71 -5.08 25.77
N TYR A 45 15.84 -4.37 25.07
CA TYR A 45 14.85 -3.48 25.66
C TYR A 45 13.51 -3.92 25.12
N VAL A 46 12.60 -4.30 26.00
CA VAL A 46 11.31 -4.87 25.58
C VAL A 46 10.20 -4.17 26.34
N SER A 47 9.18 -3.67 25.64
CA SER A 47 8.08 -3.02 26.36
C SER A 47 7.43 -4.05 27.29
N GLU A 48 6.80 -3.55 28.35
CA GLU A 48 6.30 -4.40 29.43
C GLU A 48 5.42 -5.53 28.89
N ASN A 49 4.60 -5.23 27.90
CA ASN A 49 3.68 -6.23 27.38
C ASN A 49 4.10 -6.79 26.02
N TYR A 50 5.40 -6.70 25.73
CA TYR A 50 5.99 -7.34 24.55
C TYR A 50 5.31 -6.88 23.25
N ARG A 51 5.16 -5.57 23.09
CA ARG A 51 4.59 -5.00 21.87
C ARG A 51 5.64 -4.25 21.04
N ALA A 52 6.81 -4.03 21.62
CA ALA A 52 7.97 -3.42 20.93
C ALA A 52 9.25 -3.89 21.58
N ALA A 53 10.29 -4.08 20.79
CA ALA A 53 11.59 -4.52 21.29
C ALA A 53 12.73 -3.98 20.44
N VAL A 54 13.82 -3.66 21.14
CA VAL A 54 15.11 -3.36 20.51
C VAL A 54 16.12 -4.36 21.06
N ILE A 55 16.79 -5.06 20.16
CA ILE A 55 17.79 -6.06 20.54
C ILE A 55 19.15 -5.65 20.03
N LEU A 56 20.09 -5.39 20.94
CA LEU A 56 21.48 -5.12 20.58
C LEU A 56 22.31 -6.37 20.76
N THR A 57 23.16 -6.66 19.78
CA THR A 57 24.00 -7.85 19.84
C THR A 57 25.43 -7.51 19.52
N LYS A 58 26.30 -8.49 19.75
CA LYS A 58 27.73 -8.35 19.50
C LYS A 58 28.05 -8.68 18.04
N LEU A 59 28.48 -7.67 17.29
CA LEU A 59 28.90 -7.85 15.91
C LEU A 59 29.98 -6.83 15.63
N GLY A 60 31.22 -7.19 15.95
CA GLY A 60 32.33 -6.27 15.84
C GLY A 60 32.46 -5.29 17.00
N ASN A 61 33.15 -4.18 16.75
CA ASN A 61 33.45 -3.20 17.79
C ASN A 61 32.27 -2.31 18.21
N VAL A 62 31.30 -2.12 17.32
CA VAL A 62 30.21 -1.20 17.56
C VAL A 62 28.95 -2.01 17.86
N PRO A 63 28.19 -1.63 18.91
CA PRO A 63 26.92 -2.32 19.17
C PRO A 63 26.04 -2.39 17.91
N TYR A 64 25.45 -3.56 17.68
CA TYR A 64 24.68 -3.85 16.48
C TYR A 64 23.20 -4.01 16.85
N LEU A 65 22.33 -3.22 16.23
CA LEU A 65 20.91 -3.36 16.52
C LEU A 65 20.34 -4.42 15.60
N ASP A 66 20.21 -5.62 16.14
CA ASP A 66 19.83 -6.79 15.36
C ASP A 66 18.35 -6.88 15.04
N LYS A 67 17.53 -6.39 15.95
CA LYS A 67 16.07 -6.38 15.73
C LYS A 67 15.42 -5.14 16.30
N PHE A 68 14.63 -4.46 15.47
CA PHE A 68 13.67 -3.45 15.95
C PHE A 68 12.31 -3.97 15.59
N ALA A 69 11.62 -4.56 16.56
CA ALA A 69 10.36 -5.25 16.31
C ALA A 69 9.25 -4.44 16.95
N VAL A 70 8.36 -3.89 16.15
CA VAL A 70 7.26 -3.08 16.66
C VAL A 70 5.96 -3.56 16.03
N LEU A 71 4.97 -3.92 16.86
CA LEU A 71 3.66 -4.31 16.32
C LEU A 71 3.02 -3.11 15.63
N ASP A 72 2.38 -3.35 14.48
CA ASP A 72 1.65 -2.28 13.79
C ASP A 72 0.71 -1.53 14.75
N ASP A 73 0.08 -2.26 15.66
CA ASP A 73 -0.91 -1.62 16.54
C ASP A 73 -0.30 -0.85 17.72
N ALA A 74 1.03 -0.84 17.82
CA ALA A 74 1.69 -0.11 18.91
C ALA A 74 2.15 1.27 18.44
N GLN A 75 1.97 1.57 17.16
CA GLN A 75 2.50 2.83 16.64
C GLN A 75 1.68 4.06 17.04
N GLY A 76 0.35 3.93 17.22
CA GLY A 76 -0.45 5.07 17.64
C GLY A 76 0.04 5.63 18.98
N GLU A 77 0.41 4.74 19.89
CA GLU A 77 0.92 5.13 21.20
C GLU A 77 2.39 5.51 21.15
N GLY A 78 3.07 5.18 20.05
CA GLY A 78 4.49 5.51 19.91
C GLY A 78 5.41 4.61 20.73
N LEU A 79 4.99 3.37 20.95
CA LEU A 79 5.71 2.45 21.82
C LEU A 79 7.10 2.09 21.27
N GLY A 80 7.18 1.87 19.96
CA GLY A 80 8.49 1.57 19.37
C GLY A 80 9.45 2.75 19.54
N ARG A 81 8.96 3.96 19.32
CA ARG A 81 9.77 5.15 19.53
C ARG A 81 10.23 5.25 20.99
N ALA A 82 9.35 4.92 21.91
CA ALA A 82 9.70 5.02 23.31
C ALA A 82 10.80 4.02 23.71
N VAL A 83 10.72 2.79 23.20
CA VAL A 83 11.74 1.80 23.48
C VAL A 83 13.07 2.21 22.84
N TRP A 84 13.02 2.70 21.61
CA TRP A 84 14.22 3.19 20.93
C TRP A 84 14.90 4.28 21.76
N SER A 85 14.11 5.22 22.27
CA SER A 85 14.65 6.32 23.05
C SER A 85 15.38 5.83 24.31
N ILE A 86 14.82 4.81 24.97
CA ILE A 86 15.46 4.30 26.16
CA ILE A 86 15.43 4.21 26.15
C ILE A 86 16.78 3.59 25.79
N MET A 87 16.80 2.86 24.69
CA MET A 87 18.06 2.29 24.21
C MET A 87 19.08 3.39 23.95
N ARG A 88 18.67 4.49 23.34
CA ARG A 88 19.62 5.52 22.96
C ARG A 88 20.25 6.24 24.16
N GLU A 89 19.55 6.25 25.30
CA GLU A 89 20.12 6.86 26.50
C GLU A 89 21.42 6.18 26.91
N GLU A 90 21.55 4.91 26.57
CA GLU A 90 22.70 4.09 26.96
C GLU A 90 23.66 3.80 25.81
N THR A 91 23.27 4.16 24.60
CA THR A 91 23.93 3.60 23.42
C THR A 91 24.31 4.73 22.46
N PRO A 92 25.46 5.36 22.69
CA PRO A 92 25.82 6.49 21.85
C PRO A 92 26.30 6.09 20.46
N GLN A 93 26.79 4.86 20.34
CA GLN A 93 27.24 4.33 19.06
C GLN A 93 26.52 3.03 18.73
N LEU A 94 26.02 2.93 17.52
CA LEU A 94 25.34 1.73 17.07
C LEU A 94 25.18 1.74 15.55
N PHE A 95 24.93 0.55 14.99
CA PHE A 95 24.65 0.49 13.56
C PHE A 95 23.61 -0.59 13.34
N TRP A 96 22.95 -0.55 12.18
CA TRP A 96 21.89 -1.51 11.88
C TRP A 96 21.57 -1.48 10.41
N ARG A 97 20.83 -2.48 9.96
CA ARG A 97 20.40 -2.55 8.57
C ARG A 97 18.88 -2.60 8.44
N SER A 98 18.38 -2.26 7.26
CA SER A 98 16.95 -2.17 7.02
C SER A 98 16.64 -2.46 5.55
N ARG A 99 15.56 -3.21 5.32
CA ARG A 99 15.07 -3.41 3.96
C ARG A 99 14.67 -2.08 3.33
N HIS A 100 14.79 -1.99 2.01
CA HIS A 100 14.52 -0.73 1.33
C HIS A 100 13.07 -0.31 1.46
N ASN A 101 12.17 -1.27 1.68
CA ASN A 101 10.73 -0.97 1.79
C ASN A 101 10.19 -0.92 3.23
N ASN A 102 11.09 -0.95 4.21
CA ASN A 102 10.70 -0.94 5.62
C ASN A 102 9.94 0.34 5.97
N GLN A 103 8.74 0.19 6.53
CA GLN A 103 7.95 1.35 6.93
C GLN A 103 8.69 2.18 7.98
N ALA A 104 9.64 1.57 8.69
CA ALA A 104 10.42 2.29 9.69
C ALA A 104 11.52 3.20 9.10
N ASN A 105 11.72 3.17 7.78
CA ASN A 105 12.86 3.94 7.25
C ASN A 105 12.76 5.44 7.48
N ALA A 106 11.55 6.01 7.43
CA ALA A 106 11.43 7.45 7.69
C ALA A 106 11.93 7.79 9.10
N PHE A 107 11.54 6.96 10.07
CA PHE A 107 12.03 7.07 11.44
C PHE A 107 13.56 6.91 11.49
N TYR A 108 14.09 5.91 10.80
CA TYR A 108 15.53 5.73 10.76
C TYR A 108 16.27 6.94 10.17
N TYR A 109 15.72 7.52 9.10
CA TYR A 109 16.34 8.71 8.53
C TYR A 109 16.43 9.83 9.57
N ALA A 110 15.38 9.97 10.38
CA ALA A 110 15.34 11.02 11.39
C ALA A 110 16.28 10.74 12.58
N GLU A 111 16.44 9.47 12.92
CA GLU A 111 17.14 9.08 14.13
C GLU A 111 18.64 8.88 13.93
N SER A 112 19.04 8.52 12.73
CA SER A 112 20.43 8.15 12.45
C SER A 112 21.33 9.37 12.29
N ASP A 113 22.65 9.14 12.42
CA ASP A 113 23.64 10.15 12.10
C ASP A 113 24.24 9.90 10.73
N GLY A 114 24.00 8.73 10.17
CA GLY A 114 24.54 8.43 8.86
C GLY A 114 23.80 7.29 8.21
N TYR A 115 24.03 7.14 6.92
CA TYR A 115 23.35 6.19 6.06
C TYR A 115 24.22 5.83 4.87
N TYR A 116 24.16 4.58 4.47
CA TYR A 116 24.82 4.09 3.27
C TYR A 116 23.88 3.12 2.59
N LYS A 117 23.55 3.38 1.33
CA LYS A 117 22.63 2.55 0.57
C LYS A 117 23.43 1.46 -0.12
N GLN A 118 23.12 0.20 0.19
CA GLN A 118 23.70 -0.93 -0.51
C GLN A 118 22.61 -1.70 -1.26
N ASP A 119 23.03 -2.64 -2.10
CA ASP A 119 22.08 -3.44 -2.87
C ASP A 119 20.93 -3.98 -2.03
N HIS A 120 21.19 -4.77 -1.00
CA HIS A 120 20.09 -5.39 -0.25
C HIS A 120 19.52 -4.38 0.71
N TRP A 121 20.46 -3.70 1.36
CA TRP A 121 20.17 -3.06 2.61
C TRP A 121 20.39 -1.58 2.58
N LYS A 122 19.59 -0.89 3.38
CA LYS A 122 19.97 0.43 3.88
C LYS A 122 20.77 0.19 5.15
N ILE A 123 21.93 0.82 5.25
CA ILE A 123 22.74 0.71 6.47
C ILE A 123 22.73 2.05 7.19
N PHE A 124 22.44 2.02 8.49
CA PHE A 124 22.36 3.22 9.33
C PHE A 124 23.30 3.16 10.51
N TRP A 125 23.72 4.31 11.03
CA TRP A 125 24.48 4.30 12.27
C TRP A 125 24.28 5.58 13.05
N ASN A 126 24.68 5.53 14.31
CA ASN A 126 24.78 6.70 15.17
C ASN A 126 26.15 6.78 15.79
N GLY A 127 26.67 7.99 15.92
CA GLY A 127 27.79 8.25 16.82
C GLY A 127 29.16 7.81 16.36
N LEU A 128 29.30 7.53 15.05
CA LEU A 128 30.58 7.10 14.48
C LEU A 128 31.28 8.24 13.73
N HIS A 129 32.54 8.53 14.09
CA HIS A 129 33.24 9.66 13.48
C HIS A 129 34.46 9.19 12.71
N HIS A 130 34.65 7.88 12.64
CA HIS A 130 35.81 7.28 12.02
C HIS A 130 35.35 6.51 10.79
N PHE A 131 35.74 6.94 9.60
CA PHE A 131 35.15 6.39 8.38
C PHE A 131 35.61 4.96 8.11
N GLN A 132 36.75 4.57 8.65
CA GLN A 132 37.18 3.19 8.56
C GLN A 132 36.18 2.29 9.30
N GLN A 133 35.74 2.74 10.48
CA GLN A 133 34.76 1.98 11.26
C GLN A 133 33.41 1.96 10.56
N ILE A 134 33.03 3.08 9.95
CA ILE A 134 31.77 3.14 9.20
C ILE A 134 31.82 2.14 8.05
N GLN A 135 32.90 2.16 7.28
CA GLN A 135 33.11 1.18 6.22
C GLN A 135 32.98 -0.26 6.72
N GLN A 136 33.53 -0.52 7.90
CA GLN A 136 33.46 -1.87 8.45
C GLN A 136 32.04 -2.24 8.85
N CYS A 137 31.30 -1.29 9.40
CA CYS A 137 29.90 -1.52 9.75
C CYS A 137 29.08 -1.85 8.50
N VAL A 138 29.33 -1.13 7.40
CA VAL A 138 28.66 -1.44 6.16
C VAL A 138 28.96 -2.88 5.71
N ALA A 139 30.23 -3.29 5.80
CA ALA A 139 30.61 -4.65 5.44
C ALA A 139 29.93 -5.69 6.34
N HIS A 140 29.83 -5.42 7.64
CA HIS A 140 29.14 -6.34 8.53
C HIS A 140 27.68 -6.55 8.11
N CYS A 141 26.99 -5.48 7.75
CA CYS A 141 25.58 -5.59 7.36
C CYS A 141 25.41 -6.41 6.11
N THR A 142 26.37 -6.29 5.20
CA THR A 142 26.30 -7.01 3.94
C THR A 142 26.58 -8.49 4.17
N GLN A 143 27.50 -8.78 5.09
CA GLN A 143 28.03 -10.12 5.31
C GLN A 143 27.18 -10.95 6.27
N HIS A 144 26.56 -10.30 7.24
CA HIS A 144 25.92 -11.01 8.34
C HIS A 144 24.73 -11.84 7.87
N PRO A 145 24.72 -13.14 8.15
CA PRO A 145 23.62 -13.98 7.64
C PRO A 145 22.25 -13.61 8.21
N PRO A 146 21.18 -13.90 7.44
CA PRO A 146 19.82 -13.58 7.88
C PRO A 146 19.35 -14.47 9.03
N THR A 147 18.50 -13.92 9.88
CA THR A 147 17.91 -14.68 10.99
C THR A 147 16.37 -14.73 10.90
N LEU A 148 15.82 -14.26 9.79
CA LEU A 148 14.41 -14.48 9.48
C LEU A 148 14.30 -15.40 8.27
N ILE A 149 13.34 -16.31 8.29
CA ILE A 149 13.17 -17.30 7.24
C ILE A 149 11.70 -17.51 6.93
N ASP A 150 11.45 -18.35 5.93
CA ASP A 150 10.16 -19.01 5.84
C ASP A 150 10.29 -20.51 5.66
N VAL B 5 14.11 22.97 -19.76
CA VAL B 5 15.03 23.39 -18.71
C VAL B 5 16.28 24.04 -19.31
N ILE B 6 16.62 25.22 -18.80
CA ILE B 6 17.80 25.95 -19.25
C ILE B 6 19.06 25.32 -18.66
N ARG B 7 20.03 25.02 -19.53
CA ARG B 7 21.30 24.46 -19.07
C ARG B 7 22.39 25.47 -19.34
N ALA B 8 23.09 25.92 -18.30
CA ALA B 8 24.08 26.97 -18.48
C ALA B 8 25.41 26.55 -17.87
N THR B 9 26.51 26.89 -18.54
CA THR B 9 27.85 26.61 -18.04
C THR B 9 28.59 27.90 -17.65
N THR B 10 27.92 29.04 -17.78
CA THR B 10 28.47 30.33 -17.35
C THR B 10 27.36 31.17 -16.75
N TRP B 11 27.68 31.99 -15.76
CA TRP B 11 26.67 32.86 -15.13
C TRP B 11 26.11 33.84 -16.14
N LYS B 12 26.89 34.16 -17.18
CA LYS B 12 26.47 35.12 -18.19
C LYS B 12 25.28 34.62 -19.02
N ASP B 13 25.02 33.32 -18.99
CA ASP B 13 23.89 32.77 -19.73
C ASP B 13 22.61 32.71 -18.89
N LEU B 14 22.66 33.25 -17.69
CA LEU B 14 21.48 33.27 -16.82
C LEU B 14 21.05 34.68 -16.42
N ASP B 15 19.78 34.81 -16.04
CA ASP B 15 19.24 36.07 -15.53
C ASP B 15 19.51 36.08 -14.02
N LEU B 16 20.58 36.75 -13.63
CA LEU B 16 21.06 36.62 -12.26
C LEU B 16 20.15 37.31 -11.22
N PRO B 17 19.61 38.51 -11.51
CA PRO B 17 18.65 39.05 -10.54
C PRO B 17 17.44 38.14 -10.33
N ARG B 18 16.97 37.53 -11.41
CA ARG B 18 15.84 36.63 -11.34
C ARG B 18 16.20 35.36 -10.56
N LEU B 19 17.41 34.84 -10.79
CA LEU B 19 17.89 33.68 -10.06
C LEU B 19 18.07 33.99 -8.57
N GLN B 20 18.62 35.17 -8.25
CA GLN B 20 18.79 35.57 -6.86
C GLN B 20 17.43 35.63 -6.17
N HIS B 21 16.43 36.14 -6.87
CA HIS B 21 15.08 36.21 -6.31
C HIS B 21 14.54 34.81 -6.05
N LEU B 22 14.78 33.88 -6.97
CA LEU B 22 14.35 32.50 -6.77
C LEU B 22 15.01 31.89 -5.54
N ILE B 23 16.32 32.04 -5.44
CA ILE B 23 17.07 31.48 -4.31
C ILE B 23 16.60 32.07 -2.98
N GLN B 24 16.48 33.39 -2.92
CA GLN B 24 16.08 34.04 -1.68
C GLN B 24 14.64 33.71 -1.33
N SER B 25 13.78 33.56 -2.34
CA SER B 25 12.39 33.19 -2.11
C SER B 25 12.25 31.74 -1.62
N SER B 26 13.02 30.83 -2.21
CA SER B 26 12.97 29.42 -1.87
CA SER B 26 12.95 29.43 -1.85
C SER B 26 13.46 29.18 -0.44
N PHE B 27 14.58 29.81 -0.10
CA PHE B 27 15.21 29.62 1.20
C PHE B 27 14.72 30.56 2.29
N ARG B 28 13.99 31.61 1.89
CA ARG B 28 13.53 32.65 2.81
C ARG B 28 14.67 33.23 3.64
N ARG B 29 15.81 33.40 2.97
CA ARG B 29 17.00 33.99 3.56
C ARG B 29 17.67 34.85 2.49
N THR B 30 18.70 35.58 2.88
CA THR B 30 19.42 36.45 1.96
C THR B 30 20.66 35.77 1.39
N LEU B 31 20.87 35.94 0.09
CA LEU B 31 22.07 35.45 -0.57
C LEU B 31 23.20 36.42 -0.26
N ILE B 32 24.36 35.90 0.16
CA ILE B 32 25.50 36.73 0.52
C ILE B 32 25.91 37.63 -0.66
N PRO B 33 26.36 38.86 -0.35
CA PRO B 33 26.87 39.70 -1.44
C PRO B 33 27.99 39.06 -2.27
N HIS B 34 27.85 39.38 -3.54
CA HIS B 34 28.50 38.92 -4.78
C HIS B 34 28.83 37.45 -4.71
N TYR B 35 27.80 36.69 -4.38
CA TYR B 35 27.72 35.28 -4.57
C TYR B 35 28.10 34.90 -6.00
N PHE B 36 27.49 35.54 -6.99
CA PHE B 36 27.70 35.08 -8.37
C PHE B 36 29.12 35.30 -8.86
N GLU B 37 29.73 36.40 -8.43
CA GLU B 37 31.08 36.71 -8.89
C GLU B 37 32.14 35.88 -8.19
N THR B 38 31.81 35.31 -7.03
CA THR B 38 32.79 34.53 -6.28
C THR B 38 32.51 33.04 -6.28
N THR B 39 31.44 32.62 -6.96
CA THR B 39 31.07 31.22 -7.02
C THR B 39 31.48 30.60 -8.34
N PRO B 40 32.35 29.58 -8.30
CA PRO B 40 32.83 28.98 -9.55
C PRO B 40 31.82 27.99 -10.12
N LEU B 41 31.04 28.44 -11.08
CA LEU B 41 29.97 27.63 -11.66
C LEU B 41 30.50 26.44 -12.45
N LEU B 42 29.94 25.26 -12.20
CA LEU B 42 30.21 24.11 -13.04
C LEU B 42 29.12 24.02 -14.11
N ARG B 43 27.87 23.84 -13.68
CA ARG B 43 26.73 24.05 -14.56
C ARG B 43 25.45 24.21 -13.77
N ALA B 44 24.52 24.95 -14.35
CA ALA B 44 23.24 25.21 -13.73
C ALA B 44 22.10 24.70 -14.58
N TYR B 45 21.05 24.25 -13.91
CA TYR B 45 19.82 23.82 -14.55
C TYR B 45 18.70 24.67 -13.99
N VAL B 46 18.05 25.47 -14.84
CA VAL B 46 16.99 26.35 -14.37
C VAL B 46 15.74 26.15 -15.18
N SER B 47 14.60 25.91 -14.51
CA SER B 47 13.34 25.77 -15.22
C SER B 47 13.02 27.07 -15.96
N GLU B 48 12.30 26.97 -17.05
CA GLU B 48 12.07 28.12 -17.92
C GLU B 48 11.50 29.33 -17.18
N ASN B 49 10.60 29.07 -16.23
CA ASN B 49 10.00 30.20 -15.53
CA ASN B 49 9.93 30.11 -15.46
C ASN B 49 10.69 30.50 -14.19
N TYR B 50 11.91 30.03 -14.06
CA TYR B 50 12.72 30.30 -12.87
C TYR B 50 12.01 29.98 -11.56
N ARG B 51 11.27 28.88 -11.52
CA ARG B 51 10.62 28.45 -10.27
C ARG B 51 11.36 27.28 -9.62
N ALA B 52 12.39 26.79 -10.30
CA ALA B 52 13.24 25.71 -9.76
C ALA B 52 14.63 25.78 -10.38
N ALA B 53 15.64 25.52 -9.57
CA ALA B 53 17.02 25.55 -10.06
C ALA B 53 17.92 24.59 -9.30
N VAL B 54 18.83 23.96 -10.05
CA VAL B 54 19.92 23.17 -9.52
C VAL B 54 21.23 23.82 -9.96
N ILE B 55 22.05 24.22 -9.00
CA ILE B 55 23.32 24.86 -9.30
C ILE B 55 24.47 23.96 -8.85
N LEU B 56 25.25 23.46 -9.82
CA LEU B 56 26.46 22.70 -9.51
C LEU B 56 27.65 23.63 -9.58
N THR B 57 28.55 23.52 -8.59
CA THR B 57 29.74 24.35 -8.57
C THR B 57 30.99 23.52 -8.36
N LYS B 58 32.14 24.18 -8.44
CA LYS B 58 33.44 23.57 -8.32
C LYS B 58 33.95 23.62 -6.88
N LEU B 59 33.91 22.47 -6.23
CA LEU B 59 34.42 22.34 -4.87
C LEU B 59 35.04 20.96 -4.74
N GLY B 60 36.37 20.89 -4.79
CA GLY B 60 37.07 19.62 -4.83
C GLY B 60 36.87 18.90 -6.16
N ASN B 61 36.93 17.57 -6.11
CA ASN B 61 36.99 16.75 -7.30
C ASN B 61 35.63 16.27 -7.81
N VAL B 62 34.62 16.34 -6.95
CA VAL B 62 33.28 15.86 -7.26
C VAL B 62 32.35 17.04 -7.45
N PRO B 63 31.48 17.01 -8.49
CA PRO B 63 30.48 18.08 -8.61
C PRO B 63 29.73 18.35 -7.31
N TYR B 64 29.59 19.61 -6.95
CA TYR B 64 28.99 20.00 -5.68
C TYR B 64 27.68 20.73 -5.96
N LEU B 65 26.59 20.22 -5.41
CA LEU B 65 25.31 20.86 -5.59
C LEU B 65 25.17 21.97 -4.56
N ASP B 66 25.47 23.19 -4.99
CA ASP B 66 25.53 24.33 -4.10
C ASP B 66 24.17 24.92 -3.73
N LYS B 67 23.21 24.84 -4.64
CA LYS B 67 21.84 25.32 -4.40
C LYS B 67 20.83 24.45 -5.12
N PHE B 68 19.83 23.97 -4.37
CA PHE B 68 18.62 23.40 -4.95
C PHE B 68 17.51 24.29 -4.47
N ALA B 69 17.04 25.16 -5.36
CA ALA B 69 16.09 26.19 -5.00
C ALA B 69 14.78 25.93 -5.72
N VAL B 70 13.72 25.67 -4.95
CA VAL B 70 12.43 25.32 -5.52
C VAL B 70 11.32 26.05 -4.77
N LEU B 71 10.48 26.78 -5.49
CA LEU B 71 9.34 27.45 -4.88
C LEU B 71 8.29 26.46 -4.42
N ASP B 72 7.68 26.73 -3.27
CA ASP B 72 6.58 25.91 -2.75
C ASP B 72 5.37 25.90 -3.68
N ASP B 73 5.11 27.02 -4.33
CA ASP B 73 3.91 27.22 -5.14
C ASP B 73 3.89 26.30 -6.37
N ALA B 74 2.85 26.45 -7.20
CA ALA B 74 2.55 25.65 -8.41
C ALA B 74 3.52 24.51 -8.75
N GLN B 75 2.97 23.28 -8.80
CA GLN B 75 3.71 22.00 -8.66
C GLN B 75 5.22 22.16 -8.43
N GLY B 76 5.59 22.72 -7.27
CA GLY B 76 6.98 22.83 -6.90
C GLY B 76 7.65 21.46 -6.77
N GLU B 77 6.95 20.48 -6.22
CA GLU B 77 7.56 19.16 -6.04
C GLU B 77 7.81 18.50 -7.39
N GLY B 78 6.80 18.57 -8.28
CA GLY B 78 6.93 18.02 -9.61
C GLY B 78 8.04 18.67 -10.41
N LEU B 79 8.09 20.00 -10.36
CA LEU B 79 9.07 20.77 -11.10
C LEU B 79 10.49 20.56 -10.58
N GLY B 80 10.64 20.60 -9.26
CA GLY B 80 11.94 20.39 -8.66
C GLY B 80 12.48 19.02 -9.02
N ARG B 81 11.60 18.02 -8.98
CA ARG B 81 11.99 16.66 -9.32
C ARG B 81 12.44 16.56 -10.78
N ALA B 82 11.71 17.24 -11.66
CA ALA B 82 12.02 17.26 -13.09
C ALA B 82 13.43 17.80 -13.35
N VAL B 83 13.74 18.94 -12.74
CA VAL B 83 15.04 19.58 -12.89
C VAL B 83 16.15 18.70 -12.31
N TRP B 84 15.91 18.15 -11.12
CA TRP B 84 16.85 17.21 -10.53
C TRP B 84 17.11 16.02 -11.44
N SER B 85 16.06 15.49 -12.05
CA SER B 85 16.17 14.33 -12.91
C SER B 85 17.09 14.61 -14.10
N ILE B 86 16.91 15.77 -14.71
CA ILE B 86 17.72 16.20 -15.84
C ILE B 86 19.19 16.31 -15.41
N MET B 87 19.43 16.92 -14.25
CA MET B 87 20.79 17.03 -13.75
C MET B 87 21.42 15.65 -13.52
N ARG B 88 20.68 14.73 -12.92
CA ARG B 88 21.23 13.40 -12.63
C ARG B 88 21.59 12.60 -13.89
N GLU B 89 20.85 12.80 -14.97
CA GLU B 89 21.15 12.09 -16.21
C GLU B 89 22.57 12.40 -16.69
N GLU B 90 23.05 13.58 -16.33
CA GLU B 90 24.34 14.08 -16.76
C GLU B 90 25.39 14.02 -15.63
N THR B 91 24.96 13.62 -14.43
CA THR B 91 25.80 13.78 -13.25
C THR B 91 25.78 12.55 -12.34
N PRO B 92 26.65 11.58 -12.64
CA PRO B 92 26.64 10.32 -11.87
C PRO B 92 27.13 10.47 -10.41
N GLN B 93 28.01 11.44 -10.18
CA GLN B 93 28.57 11.65 -8.84
C GLN B 93 28.33 13.09 -8.43
N LEU B 94 27.87 13.26 -7.19
CA LEU B 94 27.71 14.59 -6.63
C LEU B 94 27.60 14.54 -5.14
N PHE B 95 27.82 15.67 -4.48
CA PHE B 95 27.57 15.77 -3.05
C PHE B 95 26.97 17.13 -2.74
N TRP B 96 26.35 17.22 -1.56
CA TRP B 96 25.70 18.47 -1.16
C TRP B 96 25.41 18.44 0.32
N ARG B 97 24.97 19.57 0.85
CA ARG B 97 24.69 19.65 2.27
C ARG B 97 23.34 20.32 2.51
N SER B 98 22.81 20.13 3.70
CA SER B 98 21.49 20.63 4.07
CA SER B 98 21.55 20.76 4.06
C SER B 98 21.47 21.00 5.56
N ARG B 99 20.69 22.01 5.93
CA ARG B 99 20.41 22.26 7.33
C ARG B 99 19.19 21.42 7.70
N HIS B 100 18.97 21.15 8.99
CA HIS B 100 17.78 20.41 9.39
C HIS B 100 16.53 21.21 9.05
N ASN B 101 16.70 22.52 8.93
CA ASN B 101 15.72 23.43 8.37
C ASN B 101 15.18 22.92 7.02
N ASN B 102 16.05 22.94 6.02
CA ASN B 102 15.76 22.64 4.60
C ASN B 102 14.57 21.75 4.27
N GLN B 103 13.69 22.27 3.42
CA GLN B 103 12.44 21.59 3.05
C GLN B 103 12.65 20.32 2.21
N ALA B 104 13.79 20.25 1.53
CA ALA B 104 14.06 19.16 0.60
C ALA B 104 14.61 17.89 1.27
N ASN B 105 14.75 17.89 2.59
CA ASN B 105 15.44 16.78 3.26
C ASN B 105 14.81 15.41 3.01
N ALA B 106 13.48 15.32 3.00
CA ALA B 106 12.86 14.03 2.73
C ALA B 106 13.24 13.53 1.32
N PHE B 107 13.22 14.43 0.35
CA PHE B 107 13.66 14.13 -1.00
C PHE B 107 15.13 13.68 -1.03
N TYR B 108 15.97 14.38 -0.29
CA TYR B 108 17.38 14.01 -0.20
C TYR B 108 17.57 12.61 0.38
N TYR B 109 16.86 12.31 1.46
CA TYR B 109 16.93 10.98 2.07
C TYR B 109 16.60 9.91 1.04
N ALA B 110 15.59 10.15 0.22
CA ALA B 110 15.14 9.19 -0.77
C ALA B 110 16.02 9.10 -2.03
N GLU B 111 16.70 10.20 -2.38
CA GLU B 111 17.44 10.26 -3.62
C GLU B 111 18.91 9.94 -3.48
N SER B 112 19.45 10.15 -2.28
CA SER B 112 20.88 9.99 -2.04
C SER B 112 21.30 8.53 -1.92
N ASP B 113 22.60 8.29 -2.08
CA ASP B 113 23.18 6.97 -1.81
C ASP B 113 23.79 6.89 -0.41
N GLY B 114 23.85 8.01 0.28
CA GLY B 114 24.32 8.01 1.65
C GLY B 114 24.26 9.41 2.22
N TYR B 115 24.41 9.49 3.54
CA TYR B 115 24.64 10.78 4.17
C TYR B 115 25.38 10.63 5.49
N TYR B 116 25.79 11.77 6.02
CA TYR B 116 26.56 11.86 7.24
C TYR B 116 26.25 13.18 7.90
N LYS B 117 25.84 13.15 9.17
CA LYS B 117 25.46 14.38 9.86
C LYS B 117 26.65 14.89 10.67
N GLN B 118 27.00 16.17 10.49
CA GLN B 118 28.12 16.77 11.22
C GLN B 118 27.98 18.29 11.36
N ASP B 119 28.12 18.76 12.59
CA ASP B 119 28.11 20.20 12.90
C ASP B 119 26.93 20.94 12.27
N HIS B 120 25.73 20.44 12.55
CA HIS B 120 24.48 21.05 12.06
C HIS B 120 24.34 21.05 10.53
N TRP B 121 25.12 20.21 9.87
CA TRP B 121 24.90 19.92 8.45
C TRP B 121 24.52 18.45 8.28
N LYS B 122 23.62 18.18 7.34
CA LYS B 122 23.47 16.84 6.80
C LYS B 122 24.22 16.84 5.48
N ILE B 123 25.18 15.94 5.31
CA ILE B 123 25.97 15.89 4.08
C ILE B 123 25.58 14.66 3.27
N PHE B 124 25.13 14.87 2.04
CA PHE B 124 24.61 13.82 1.18
C PHE B 124 25.50 13.57 -0.01
N TRP B 125 25.43 12.38 -0.58
CA TRP B 125 26.15 12.12 -1.83
C TRP B 125 25.44 11.09 -2.69
N ASN B 126 25.77 11.10 -3.98
CA ASN B 126 25.37 10.06 -4.94
C ASN B 126 26.62 9.59 -5.65
N GLY B 127 26.70 8.28 -5.88
CA GLY B 127 27.67 7.75 -6.83
C GLY B 127 29.09 7.64 -6.32
N LEU B 128 29.27 7.77 -5.00
CA LEU B 128 30.57 7.69 -4.38
C LEU B 128 30.80 6.32 -3.77
N HIS B 129 31.91 5.72 -4.17
CA HIS B 129 32.21 4.32 -3.89
C HIS B 129 33.62 4.15 -3.32
N HIS B 130 34.11 5.21 -2.71
CA HIS B 130 35.35 5.18 -1.94
C HIS B 130 35.14 6.04 -0.69
N PHE B 131 35.33 5.46 0.49
CA PHE B 131 35.12 6.20 1.72
C PHE B 131 36.16 7.32 1.85
N GLN B 132 37.25 7.16 1.11
CA GLN B 132 38.23 8.22 0.89
C GLN B 132 37.53 9.46 0.34
N GLN B 133 36.82 9.28 -0.77
CA GLN B 133 36.07 10.37 -1.41
C GLN B 133 35.03 10.97 -0.47
N ILE B 134 34.28 10.08 0.17
CA ILE B 134 33.17 10.47 1.03
C ILE B 134 33.67 11.37 2.14
N GLN B 135 34.73 10.94 2.80
CA GLN B 135 35.26 11.70 3.90
C GLN B 135 35.70 13.09 3.46
N GLN B 136 36.35 13.15 2.30
CA GLN B 136 36.80 14.44 1.76
C GLN B 136 35.60 15.35 1.45
N CYS B 137 34.52 14.77 0.92
CA CYS B 137 33.32 15.54 0.65
C CYS B 137 32.69 16.06 1.93
N VAL B 138 32.68 15.23 2.99
CA VAL B 138 32.21 15.69 4.29
C VAL B 138 33.05 16.86 4.77
N ALA B 139 34.37 16.73 4.61
CA ALA B 139 35.29 17.79 5.00
C ALA B 139 35.03 19.09 4.24
N HIS B 140 34.80 18.99 2.93
CA HIS B 140 34.49 20.19 2.14
C HIS B 140 33.24 20.88 2.66
N CYS B 141 32.20 20.11 2.95
CA CYS B 141 30.94 20.71 3.39
C CYS B 141 31.05 21.39 4.74
N THR B 142 31.83 20.81 5.65
CA THR B 142 31.93 21.36 6.98
C THR B 142 32.77 22.64 6.97
N GLN B 143 33.70 22.74 6.01
CA GLN B 143 34.61 23.88 5.94
C GLN B 143 34.05 25.04 5.13
N HIS B 144 33.13 24.75 4.23
CA HIS B 144 32.67 25.71 3.24
C HIS B 144 31.80 26.78 3.90
N PRO B 145 32.18 28.05 3.75
CA PRO B 145 31.37 29.10 4.40
C PRO B 145 29.93 29.10 3.93
N PRO B 146 28.99 29.45 4.83
CA PRO B 146 27.61 29.65 4.41
C PRO B 146 27.49 30.79 3.40
N THR B 147 26.64 30.62 2.39
CA THR B 147 26.35 31.71 1.45
C THR B 147 24.91 32.21 1.55
N LEU B 148 24.16 31.68 2.52
CA LEU B 148 22.87 32.23 2.87
C LEU B 148 23.02 32.87 4.25
N ILE B 149 22.41 34.04 4.43
CA ILE B 149 22.58 34.78 5.67
C ILE B 149 21.24 35.30 6.17
N ASP B 150 21.22 35.70 7.45
CA ASP B 150 20.01 36.25 8.07
C ASP B 150 18.80 35.35 7.86
N MET C 4 11.68 27.71 17.85
CA MET C 4 10.52 27.39 18.67
C MET C 4 9.25 27.32 17.82
N VAL C 5 8.24 26.64 18.35
CA VAL C 5 6.93 26.59 17.73
C VAL C 5 6.32 27.99 17.70
N ILE C 6 5.69 28.33 16.58
CA ILE C 6 5.00 29.60 16.42
C ILE C 6 3.63 29.55 17.08
N ARG C 7 3.39 30.44 18.03
CA ARG C 7 2.10 30.56 18.67
C ARG C 7 1.42 31.82 18.17
N ALA C 8 0.13 31.73 17.86
CA ALA C 8 -0.62 32.90 17.42
C ALA C 8 -2.05 32.88 17.93
N THR C 9 -2.56 34.04 18.32
CA THR C 9 -3.97 34.19 18.64
C THR C 9 -4.70 35.01 17.59
N THR C 10 -3.98 35.44 16.57
CA THR C 10 -4.58 36.11 15.42
C THR C 10 -3.99 35.60 14.12
N TRP C 11 -4.84 35.49 13.09
CA TRP C 11 -4.36 35.08 11.77
C TRP C 11 -3.31 36.04 11.20
N LYS C 12 -3.34 37.29 11.68
CA LYS C 12 -2.40 38.31 11.20
C LYS C 12 -0.95 37.99 11.57
N ASP C 13 -0.76 37.11 12.55
CA ASP C 13 0.60 36.75 12.96
C ASP C 13 1.12 35.51 12.25
N LEU C 14 0.37 35.00 11.28
CA LEU C 14 0.80 33.83 10.50
C LEU C 14 0.94 34.12 9.02
N ASP C 15 1.71 33.28 8.33
CA ASP C 15 1.85 33.35 6.88
C ASP C 15 0.72 32.50 6.30
N LEU C 16 -0.38 33.12 5.91
CA LEU C 16 -1.58 32.35 5.57
C LEU C 16 -1.44 31.56 4.25
N PRO C 17 -0.79 32.13 3.20
CA PRO C 17 -0.57 31.27 2.02
C PRO C 17 0.25 30.03 2.36
N ARG C 18 1.24 30.21 3.23
CA ARG C 18 2.09 29.10 3.60
C ARG C 18 1.32 28.07 4.43
N LEU C 19 0.49 28.57 5.34
CA LEU C 19 -0.34 27.68 6.13
C LEU C 19 -1.38 26.93 5.27
N GLN C 20 -1.96 27.61 4.30
CA GLN C 20 -2.91 26.96 3.42
C GLN C 20 -2.22 25.86 2.64
N HIS C 21 -0.99 26.12 2.17
CA HIS C 21 -0.24 25.09 1.45
C HIS C 21 0.04 23.89 2.36
N LEU C 22 0.40 24.15 3.61
CA LEU C 22 0.60 23.07 4.57
C LEU C 22 -0.65 22.23 4.74
N ILE C 23 -1.78 22.89 4.93
CA ILE C 23 -3.02 22.17 5.14
C ILE C 23 -3.40 21.35 3.92
N GLN C 24 -3.33 21.95 2.74
CA GLN C 24 -3.71 21.25 1.53
C GLN C 24 -2.76 20.10 1.21
N SER C 25 -1.47 20.28 1.47
CA SER C 25 -0.50 19.23 1.23
C SER C 25 -0.70 18.04 2.17
N SER C 26 -1.00 18.33 3.43
CA SER C 26 -1.20 17.31 4.45
CA SER C 26 -1.15 17.24 4.40
C SER C 26 -2.45 16.47 4.17
N PHE C 27 -3.55 17.15 3.86
CA PHE C 27 -4.83 16.46 3.67
C PHE C 27 -5.07 15.98 2.25
N ARG C 28 -4.33 16.52 1.27
CA ARG C 28 -4.57 16.26 -0.15
C ARG C 28 -6.00 16.65 -0.54
N ARG C 29 -6.45 17.76 0.03
CA ARG C 29 -7.76 18.33 -0.21
C ARG C 29 -7.60 19.84 -0.32
N THR C 30 -8.62 20.51 -0.82
CA THR C 30 -8.57 21.96 -0.97
C THR C 30 -9.20 22.64 0.24
N LEU C 31 -8.53 23.67 0.75
CA LEU C 31 -9.09 24.47 1.82
C LEU C 31 -10.16 25.37 1.22
N ILE C 32 -11.34 25.42 1.83
CA ILE C 32 -12.41 26.19 1.22
C ILE C 32 -12.02 27.66 1.13
N PRO C 33 -12.48 28.32 0.06
CA PRO C 33 -12.25 29.77 -0.03
C PRO C 33 -12.77 30.48 1.21
N HIS C 34 -12.02 31.51 1.60
CA HIS C 34 -12.35 32.38 2.73
C HIS C 34 -12.30 31.69 4.08
N TYR C 35 -11.66 30.52 4.15
CA TYR C 35 -11.48 29.86 5.43
C TYR C 35 -10.95 30.80 6.51
N PHE C 36 -9.86 31.51 6.24
CA PHE C 36 -9.26 32.32 7.31
C PHE C 36 -10.14 33.50 7.70
N GLU C 37 -10.93 34.00 6.76
CA GLU C 37 -11.82 35.13 7.02
C GLU C 37 -13.08 34.75 7.78
N THR C 38 -13.42 33.46 7.82
CA THR C 38 -14.67 33.00 8.43
C THR C 38 -14.44 32.06 9.63
N THR C 39 -13.19 31.86 10.00
CA THR C 39 -12.84 30.96 11.11
C THR C 39 -12.26 31.79 12.25
N PRO C 40 -12.94 31.80 13.41
CA PRO C 40 -12.40 32.63 14.49
C PRO C 40 -11.33 31.86 15.25
N LEU C 41 -10.11 32.34 15.15
CA LEU C 41 -8.99 31.64 15.77
C LEU C 41 -9.03 31.78 17.29
N LEU C 42 -8.90 30.65 17.98
CA LEU C 42 -8.61 30.66 19.41
C LEU C 42 -7.09 30.71 19.60
N ARG C 43 -6.42 29.63 19.19
CA ARG C 43 -4.97 29.51 19.27
C ARG C 43 -4.48 28.70 18.08
N ALA C 44 -3.36 29.10 17.49
CA ALA C 44 -2.65 28.28 16.51
C ALA C 44 -1.26 27.95 17.01
N TYR C 45 -0.80 26.75 16.65
CA TYR C 45 0.55 26.27 16.91
C TYR C 45 1.09 25.80 15.57
N VAL C 46 2.18 26.40 15.11
CA VAL C 46 2.74 26.06 13.80
C VAL C 46 4.23 25.83 13.94
N SER C 47 4.72 24.70 13.43
CA SER C 47 6.16 24.45 13.51
C SER C 47 6.92 25.53 12.73
N GLU C 48 8.18 25.77 13.11
CA GLU C 48 8.94 26.88 12.57
C GLU C 48 8.92 26.96 11.05
N ASN C 49 8.99 25.81 10.40
CA ASN C 49 9.06 25.78 8.94
C ASN C 49 7.76 25.30 8.30
N TYR C 50 6.65 25.46 9.02
CA TYR C 50 5.33 25.16 8.50
C TYR C 50 5.20 23.72 7.97
N ARG C 51 5.67 22.77 8.75
CA ARG C 51 5.54 21.36 8.38
C ARG C 51 4.53 20.62 9.24
N ALA C 52 4.05 21.26 10.30
CA ALA C 52 2.98 20.74 11.14
C ALA C 52 2.24 21.91 11.80
N ALA C 53 0.93 21.74 12.01
CA ALA C 53 0.13 22.81 12.63
C ALA C 53 -1.07 22.23 13.35
N VAL C 54 -1.43 22.89 14.45
CA VAL C 54 -2.67 22.68 15.18
C VAL C 54 -3.42 24.00 15.23
N ILE C 55 -4.66 24.00 14.75
CA ILE C 55 -5.54 25.17 14.80
C ILE C 55 -6.71 24.90 15.75
N LEU C 56 -6.84 25.70 16.81
CA LEU C 56 -7.98 25.61 17.72
C LEU C 56 -8.95 26.75 17.49
N THR C 57 -10.24 26.47 17.57
CA THR C 57 -11.28 27.49 17.58
C THR C 57 -12.17 27.26 18.81
N LYS C 58 -13.07 28.18 19.10
CA LYS C 58 -13.93 28.00 20.27
C LYS C 58 -15.29 28.66 20.08
N LEU C 59 -16.06 28.09 19.15
CA LEU C 59 -17.42 28.55 18.95
C LEU C 59 -18.29 28.28 20.19
N GLY C 60 -18.08 27.13 20.83
CA GLY C 60 -18.87 26.73 21.98
C GLY C 60 -18.12 26.82 23.29
N ASN C 61 -18.44 25.94 24.22
CA ASN C 61 -17.82 26.02 25.55
C ASN C 61 -16.46 25.34 25.65
N VAL C 62 -16.15 24.46 24.70
CA VAL C 62 -14.93 23.66 24.72
C VAL C 62 -14.07 23.97 23.50
N PRO C 63 -12.75 24.15 23.69
CA PRO C 63 -11.87 24.31 22.53
C PRO C 63 -12.00 23.14 21.55
N TYR C 64 -12.00 23.49 20.27
CA TYR C 64 -12.19 22.57 19.16
C TYR C 64 -10.94 22.53 18.31
N LEU C 65 -10.44 21.35 18.02
CA LEU C 65 -9.26 21.22 17.18
C LEU C 65 -9.73 21.16 15.73
N ASP C 66 -9.71 22.32 15.07
CA ASP C 66 -10.28 22.45 13.73
C ASP C 66 -9.40 21.84 12.65
N LYS C 67 -8.08 21.94 12.84
CA LYS C 67 -7.14 21.34 11.90
C LYS C 67 -5.91 20.79 12.60
N PHE C 68 -5.60 19.53 12.35
CA PHE C 68 -4.28 18.96 12.70
C PHE C 68 -3.63 18.55 11.39
N ALA C 69 -2.72 19.38 10.93
CA ALA C 69 -2.09 19.23 9.63
C ALA C 69 -0.64 18.87 9.79
N VAL C 70 -0.26 17.69 9.32
CA VAL C 70 1.12 17.23 9.41
C VAL C 70 1.55 16.71 8.05
N LEU C 71 2.67 17.22 7.52
CA LEU C 71 3.16 16.69 6.26
C LEU C 71 3.55 15.22 6.42
N ASP C 72 3.29 14.42 5.39
CA ASP C 72 3.70 13.02 5.39
C ASP C 72 5.15 12.85 5.81
N ASP C 73 6.01 13.75 5.32
CA ASP C 73 7.46 13.65 5.51
CA ASP C 73 7.43 13.57 5.55
C ASP C 73 7.93 14.18 6.87
N ALA C 74 7.00 14.65 7.69
CA ALA C 74 7.37 15.14 9.02
C ALA C 74 7.11 14.07 10.08
N GLN C 75 6.58 12.92 9.67
CA GLN C 75 6.17 11.92 10.66
C GLN C 75 7.36 11.10 11.17
N GLY C 76 8.37 10.90 10.35
CA GLY C 76 9.55 10.16 10.78
C GLY C 76 10.17 10.76 12.02
N GLU C 77 10.23 12.08 12.06
CA GLU C 77 10.83 12.78 13.20
C GLU C 77 9.81 13.07 14.32
N GLY C 78 8.54 12.77 14.09
CA GLY C 78 7.53 12.97 15.12
C GLY C 78 7.12 14.41 15.32
N LEU C 79 7.25 15.21 14.28
CA LEU C 79 6.97 16.63 14.40
C LEU C 79 5.51 16.93 14.72
N GLY C 80 4.60 16.24 14.06
CA GLY C 80 3.18 16.41 14.38
C GLY C 80 2.90 16.10 15.84
N ARG C 81 3.46 15.01 16.35
CA ARG C 81 3.24 14.65 17.74
C ARG C 81 3.81 15.70 18.69
N ALA C 82 4.93 16.31 18.31
CA ALA C 82 5.53 17.35 19.14
C ALA C 82 4.63 18.59 19.22
N VAL C 83 4.08 18.99 18.08
CA VAL C 83 3.20 20.16 18.08
C VAL C 83 1.92 19.84 18.84
N TRP C 84 1.35 18.65 18.61
CA TRP C 84 0.21 18.18 19.39
C TRP C 84 0.48 18.29 20.91
N SER C 85 1.64 17.81 21.34
CA SER C 85 2.00 17.81 22.75
CA SER C 85 1.98 17.82 22.75
C SER C 85 2.05 19.22 23.34
N ILE C 86 2.56 20.18 22.57
CA ILE C 86 2.67 21.56 23.04
C ILE C 86 1.26 22.15 23.24
N MET C 87 0.34 21.79 22.35
CA MET C 87 -1.03 22.22 22.50
C MET C 87 -1.69 21.52 23.69
N ARG C 88 -1.49 20.20 23.80
CA ARG C 88 -2.18 19.44 24.83
C ARG C 88 -1.76 19.84 26.24
N GLU C 89 -0.48 20.20 26.41
CA GLU C 89 0.10 20.69 27.66
C GLU C 89 -0.68 21.82 28.30
N GLU C 90 -1.35 22.60 27.46
CA GLU C 90 -2.07 23.75 27.96
C GLU C 90 -3.54 23.78 27.59
N THR C 91 -4.07 22.65 27.10
CA THR C 91 -5.46 22.54 26.66
C THR C 91 -6.08 21.29 27.28
N PRO C 92 -6.57 21.41 28.52
CA PRO C 92 -7.02 20.18 29.22
C PRO C 92 -8.34 19.63 28.70
N GLN C 93 -9.14 20.49 28.07
CA GLN C 93 -10.39 20.04 27.46
C GLN C 93 -10.39 20.39 25.99
N LEU C 94 -10.74 19.41 25.16
CA LEU C 94 -10.84 19.67 23.74
CA LEU C 94 -10.61 19.52 23.71
C LEU C 94 -11.58 18.54 23.04
N PHE C 95 -12.06 18.85 21.84
CA PHE C 95 -12.73 17.83 21.03
C PHE C 95 -12.39 18.08 19.57
N TRP C 96 -12.56 17.05 18.74
CA TRP C 96 -12.24 17.14 17.34
C TRP C 96 -12.90 16.03 16.58
N ARG C 97 -12.83 16.09 15.26
CA ARG C 97 -13.40 15.05 14.41
C ARG C 97 -12.39 14.57 13.39
N SER C 98 -12.67 13.40 12.82
CA SER C 98 -11.75 12.76 11.89
C SER C 98 -12.50 11.85 10.92
N ARG C 99 -12.05 11.75 9.68
CA ARG C 99 -12.66 10.79 8.77
C ARG C 99 -12.35 9.37 9.24
N HIS C 100 -13.21 8.43 8.87
CA HIS C 100 -13.10 7.06 9.40
C HIS C 100 -11.77 6.37 9.05
N ASN C 101 -11.16 6.71 7.91
CA ASN C 101 -9.91 6.05 7.49
C ASN C 101 -8.64 6.91 7.68
N ASN C 102 -8.74 7.98 8.44
CA ASN C 102 -7.60 8.85 8.68
C ASN C 102 -6.41 8.07 9.23
N GLN C 103 -5.24 8.19 8.60
CA GLN C 103 -4.05 7.56 9.13
C GLN C 103 -3.73 8.04 10.55
N ALA C 104 -4.21 9.22 10.94
CA ALA C 104 -4.00 9.73 12.29
C ALA C 104 -4.88 9.07 13.35
N ASN C 105 -5.82 8.22 12.94
CA ASN C 105 -6.78 7.72 13.93
C ASN C 105 -6.12 6.85 15.01
N ALA C 106 -5.09 6.08 14.67
CA ALA C 106 -4.44 5.26 15.69
C ALA C 106 -3.88 6.16 16.79
N PHE C 107 -3.28 7.28 16.38
CA PHE C 107 -2.80 8.30 17.31
C PHE C 107 -3.96 8.91 18.12
N TYR C 108 -5.05 9.28 17.45
CA TYR C 108 -6.21 9.80 18.15
C TYR C 108 -6.77 8.83 19.20
N TYR C 109 -6.82 7.54 18.87
CA TYR C 109 -7.31 6.54 19.83
C TYR C 109 -6.39 6.51 21.05
N ALA C 110 -5.09 6.61 20.83
CA ALA C 110 -4.13 6.63 21.94
C ALA C 110 -4.23 7.87 22.81
N GLU C 111 -4.58 9.00 22.19
CA GLU C 111 -4.52 10.29 22.84
C GLU C 111 -5.82 10.66 23.57
N SER C 112 -6.95 10.16 23.05
CA SER C 112 -8.25 10.64 23.48
C SER C 112 -8.78 9.97 24.74
N ASP C 113 -9.60 10.71 25.48
CA ASP C 113 -10.32 10.14 26.60
C ASP C 113 -11.67 9.54 26.19
N GLY C 114 -12.22 10.00 25.09
CA GLY C 114 -13.53 9.55 24.64
C GLY C 114 -13.61 9.55 23.14
N TYR C 115 -14.60 8.81 22.66
CA TYR C 115 -14.81 8.55 21.24
C TYR C 115 -16.28 8.27 20.96
N TYR C 116 -16.77 8.76 19.82
CA TYR C 116 -18.14 8.51 19.40
C TYR C 116 -18.12 8.34 17.89
N LYS C 117 -18.58 7.20 17.39
CA LYS C 117 -18.59 6.97 15.95
C LYS C 117 -19.89 7.45 15.33
N GLN C 118 -19.79 8.33 14.34
CA GLN C 118 -20.94 8.83 13.58
C GLN C 118 -20.84 8.44 12.10
N ASP C 119 -21.87 8.76 11.32
CA ASP C 119 -21.96 8.31 9.95
C ASP C 119 -20.82 8.83 9.05
N HIS C 120 -20.47 10.10 9.20
CA HIS C 120 -19.46 10.72 8.34
C HIS C 120 -18.15 10.98 9.06
N TRP C 121 -18.18 10.88 10.39
CA TRP C 121 -17.08 11.31 11.24
C TRP C 121 -16.85 10.40 12.42
N LYS C 122 -15.59 10.27 12.81
CA LYS C 122 -15.21 9.77 14.13
C LYS C 122 -15.00 11.01 15.00
N ILE C 123 -15.59 11.03 16.19
CA ILE C 123 -15.49 12.19 17.09
C ILE C 123 -14.71 11.81 18.34
N PHE C 124 -13.80 12.67 18.76
CA PHE C 124 -12.91 12.44 19.89
C PHE C 124 -12.92 13.58 20.86
N TRP C 125 -12.59 13.30 22.12
CA TRP C 125 -12.45 14.39 23.08
C TRP C 125 -11.50 14.03 24.22
N ASN C 126 -11.03 15.07 24.90
CA ASN C 126 -10.23 14.95 26.11
C ASN C 126 -10.86 15.80 27.21
N GLY C 127 -10.86 15.28 28.43
CA GLY C 127 -11.13 16.07 29.61
C GLY C 127 -12.57 16.48 29.86
N LEU C 128 -13.51 15.80 29.21
CA LEU C 128 -14.94 16.07 29.40
C LEU C 128 -15.57 15.04 30.33
N HIS C 129 -16.16 15.51 31.42
CA HIS C 129 -16.69 14.58 32.42
C HIS C 129 -18.18 14.76 32.61
N HIS C 130 -18.80 15.60 31.80
CA HIS C 130 -20.24 15.79 31.85
C HIS C 130 -20.83 15.43 30.51
N PHE C 131 -21.78 14.50 30.51
CA PHE C 131 -22.30 14.01 29.25
C PHE C 131 -23.15 15.03 28.51
N GLN C 132 -23.66 16.03 29.22
CA GLN C 132 -24.29 17.16 28.53
C GLN C 132 -23.31 17.81 27.56
N GLN C 133 -22.11 18.12 28.04
CA GLN C 133 -21.11 18.73 27.19
C GLN C 133 -20.66 17.80 26.08
N ILE C 134 -20.54 16.50 26.36
CA ILE C 134 -20.17 15.52 25.34
C ILE C 134 -21.23 15.50 24.23
N GLN C 135 -22.51 15.51 24.62
CA GLN C 135 -23.57 15.51 23.61
C GLN C 135 -23.54 16.78 22.76
N GLN C 136 -23.29 17.93 23.38
CA GLN C 136 -23.14 19.19 22.64
C GLN C 136 -21.99 19.11 21.65
N CYS C 137 -20.89 18.52 22.08
CA CYS C 137 -19.71 18.39 21.20
C CYS C 137 -19.97 17.45 20.02
N VAL C 138 -20.59 16.31 20.29
CA VAL C 138 -20.87 15.35 19.25
C VAL C 138 -21.80 15.97 18.22
N ALA C 139 -22.87 16.61 18.66
CA ALA C 139 -23.78 17.25 17.72
C ALA C 139 -23.10 18.35 16.90
N HIS C 140 -22.24 19.12 17.54
CA HIS C 140 -21.52 20.14 16.80
C HIS C 140 -20.70 19.55 15.65
N CYS C 141 -19.93 18.50 15.93
CA CYS C 141 -19.10 17.84 14.91
C CYS C 141 -19.92 17.25 13.79
N THR C 142 -21.06 16.69 14.17
CA THR C 142 -21.92 16.03 13.20
C THR C 142 -22.43 17.02 12.15
N GLN C 143 -22.70 18.24 12.60
CA GLN C 143 -23.39 19.21 11.73
C GLN C 143 -22.50 20.31 11.16
N HIS C 144 -21.31 20.49 11.71
CA HIS C 144 -20.46 21.60 11.30
C HIS C 144 -20.00 21.37 9.85
N PRO C 145 -20.16 22.37 8.99
CA PRO C 145 -19.85 22.16 7.56
C PRO C 145 -18.38 21.80 7.33
N PRO C 146 -18.10 20.99 6.29
CA PRO C 146 -16.70 20.70 5.96
C PRO C 146 -15.98 21.95 5.43
N THR C 147 -14.71 22.11 5.80
CA THR C 147 -13.90 23.23 5.31
C THR C 147 -12.72 22.73 4.46
N LEU C 148 -12.65 21.43 4.27
CA LEU C 148 -11.79 20.84 3.25
C LEU C 148 -12.69 20.18 2.23
N ILE C 149 -12.45 20.48 0.96
CA ILE C 149 -13.32 20.01 -0.11
C ILE C 149 -12.51 19.50 -1.29
N ASP C 150 -13.20 19.01 -2.31
CA ASP C 150 -12.54 18.53 -3.51
C ASP C 150 -12.82 19.46 -4.68
N SER D 2 -9.39 -25.57 14.47
CA SER D 2 -10.81 -25.78 14.18
C SER D 2 -11.51 -24.47 13.85
N HIS D 3 -12.70 -24.59 13.27
CA HIS D 3 -13.48 -23.40 12.98
C HIS D 3 -14.83 -23.41 13.69
N MET D 4 -15.06 -24.44 14.50
CA MET D 4 -16.30 -24.52 15.27
C MET D 4 -16.26 -23.71 16.56
N VAL D 5 -17.41 -23.23 16.97
CA VAL D 5 -17.52 -22.44 18.18
C VAL D 5 -18.64 -22.98 19.05
N ILE D 6 -18.30 -23.27 20.31
CA ILE D 6 -19.24 -23.69 21.33
C ILE D 6 -20.01 -22.49 21.85
N ARG D 7 -21.34 -22.53 21.78
CA ARG D 7 -22.16 -21.50 22.37
C ARG D 7 -22.88 -22.09 23.57
N ALA D 8 -22.68 -21.51 24.75
CA ALA D 8 -23.24 -22.08 25.97
C ALA D 8 -23.99 -21.04 26.77
N THR D 9 -25.13 -21.42 27.34
CA THR D 9 -25.89 -20.50 28.19
C THR D 9 -25.80 -20.88 29.66
N THR D 10 -24.99 -21.89 29.98
CA THR D 10 -24.74 -22.27 31.37
C THR D 10 -23.30 -22.74 31.55
N TRP D 11 -22.71 -22.40 32.70
CA TRP D 11 -21.35 -22.84 33.01
C TRP D 11 -21.25 -24.38 33.00
N LYS D 12 -22.37 -25.05 33.30
CA LYS D 12 -22.42 -26.51 33.32
C LYS D 12 -22.06 -27.14 31.97
N ASP D 13 -22.24 -26.38 30.90
CA ASP D 13 -21.95 -26.88 29.55
C ASP D 13 -20.53 -26.60 29.07
N LEU D 14 -19.69 -26.06 29.94
CA LEU D 14 -18.29 -25.80 29.60
C LEU D 14 -17.33 -26.53 30.52
N ASP D 15 -16.10 -26.68 30.04
CA ASP D 15 -15.00 -27.24 30.82
C ASP D 15 -14.36 -26.06 31.58
N LEU D 16 -14.79 -25.85 32.83
CA LEU D 16 -14.39 -24.65 33.57
C LEU D 16 -12.90 -24.59 33.91
N PRO D 17 -12.29 -25.72 34.34
CA PRO D 17 -10.84 -25.64 34.51
C PRO D 17 -10.10 -25.26 33.23
N ARG D 18 -10.55 -25.79 32.10
CA ARG D 18 -9.92 -25.49 30.81
C ARG D 18 -10.15 -24.02 30.41
N LEU D 19 -11.36 -23.53 30.66
CA LEU D 19 -11.68 -22.13 30.40
C LEU D 19 -10.85 -21.21 31.30
N GLN D 20 -10.69 -21.57 32.57
CA GLN D 20 -9.86 -20.77 33.45
C GLN D 20 -8.43 -20.72 32.95
N HIS D 21 -7.92 -21.84 32.46
CA HIS D 21 -6.57 -21.84 31.91
C HIS D 21 -6.45 -20.93 30.70
N LEU D 22 -7.46 -20.93 29.82
CA LEU D 22 -7.44 -20.03 28.68
C LEU D 22 -7.43 -18.56 29.12
N ILE D 23 -8.28 -18.23 30.08
CA ILE D 23 -8.36 -16.84 30.56
C ILE D 23 -7.03 -16.41 31.18
N GLN D 24 -6.50 -17.25 32.06
CA GLN D 24 -5.25 -16.90 32.72
C GLN D 24 -4.07 -16.83 31.76
N SER D 25 -4.06 -17.68 30.74
CA SER D 25 -2.98 -17.69 29.75
C SER D 25 -3.04 -16.46 28.84
N SER D 26 -4.25 -16.05 28.50
CA SER D 26 -4.43 -14.90 27.63
C SER D 26 -4.06 -13.60 28.33
N PHE D 27 -4.51 -13.46 29.57
CA PHE D 27 -4.29 -12.23 30.32
C PHE D 27 -2.98 -12.21 31.09
N ARG D 28 -2.37 -13.39 31.23
CA ARG D 28 -1.17 -13.55 32.04
C ARG D 28 -1.41 -13.00 33.44
N ARG D 29 -2.60 -13.29 33.94
CA ARG D 29 -2.99 -12.94 35.30
C ARG D 29 -3.81 -14.09 35.87
N THR D 30 -4.13 -14.00 37.16
CA THR D 30 -4.88 -15.04 37.83
C THR D 30 -6.37 -14.69 37.88
N LEU D 31 -7.21 -15.68 37.66
CA LEU D 31 -8.65 -15.47 37.77
C LEU D 31 -9.04 -15.55 39.25
N ILE D 32 -9.83 -14.58 39.72
CA ILE D 32 -10.19 -14.53 41.14
C ILE D 32 -10.91 -15.82 41.54
N PRO D 33 -10.61 -16.34 42.75
CA PRO D 33 -11.31 -17.54 43.20
C PRO D 33 -12.82 -17.37 43.19
N HIS D 34 -13.52 -18.45 42.85
CA HIS D 34 -14.99 -18.51 42.85
C HIS D 34 -15.61 -17.67 41.73
N TYR D 35 -14.82 -17.34 40.72
CA TYR D 35 -15.32 -16.54 39.60
C TYR D 35 -16.59 -17.14 38.98
N PHE D 36 -16.55 -18.41 38.62
CA PHE D 36 -17.69 -18.97 37.88
C PHE D 36 -18.96 -19.01 38.75
N GLU D 37 -18.84 -19.37 40.02
CA GLU D 37 -20.03 -19.51 40.85
C GLU D 37 -20.63 -18.16 41.26
N THR D 38 -19.88 -17.09 41.09
CA THR D 38 -20.37 -15.76 41.48
C THR D 38 -20.61 -14.85 40.27
N THR D 39 -20.42 -15.38 39.07
CA THR D 39 -20.63 -14.62 37.84
C THR D 39 -21.83 -15.13 37.06
N PRO D 40 -22.87 -14.30 36.91
CA PRO D 40 -24.08 -14.78 36.21
C PRO D 40 -23.92 -14.81 34.70
N LEU D 41 -23.76 -16.00 34.13
CA LEU D 41 -23.50 -16.15 32.70
C LEU D 41 -24.73 -15.77 31.88
N LEU D 42 -24.51 -15.03 30.79
CA LEU D 42 -25.58 -14.81 29.82
C LEU D 42 -25.37 -15.80 28.67
N ARG D 43 -24.25 -15.64 27.98
CA ARG D 43 -23.86 -16.51 26.87
C ARG D 43 -22.35 -16.54 26.79
N ALA D 44 -21.76 -17.72 26.61
CA ALA D 44 -20.34 -17.83 26.34
C ALA D 44 -20.12 -18.43 24.96
N TYR D 45 -19.10 -17.94 24.27
CA TYR D 45 -18.70 -18.42 22.95
C TYR D 45 -17.25 -18.87 23.08
N VAL D 46 -16.99 -20.15 22.92
CA VAL D 46 -15.65 -20.69 23.13
C VAL D 46 -15.24 -21.48 21.89
N SER D 47 -14.08 -21.20 21.33
CA SER D 47 -13.64 -21.98 20.18
C SER D 47 -13.48 -23.45 20.60
N GLU D 48 -13.67 -24.38 19.66
CA GLU D 48 -13.69 -25.80 20.03
C GLU D 48 -12.51 -26.24 20.89
N ASN D 49 -11.31 -25.75 20.58
CA ASN D 49 -10.14 -26.19 21.32
C ASN D 49 -9.69 -25.16 22.37
N TYR D 50 -10.63 -24.30 22.78
CA TYR D 50 -10.42 -23.39 23.91
C TYR D 50 -9.20 -22.49 23.74
N ARG D 51 -9.04 -21.96 22.54
CA ARG D 51 -7.97 -21.01 22.25
C ARG D 51 -8.46 -19.57 22.16
N ALA D 52 -9.78 -19.40 22.17
CA ALA D 52 -10.40 -18.07 22.16
C ALA D 52 -11.78 -18.16 22.81
N ALA D 53 -12.16 -17.12 23.53
CA ALA D 53 -13.47 -17.08 24.17
C ALA D 53 -14.00 -15.68 24.33
N VAL D 54 -15.30 -15.55 24.16
CA VAL D 54 -16.06 -14.35 24.48
C VAL D 54 -17.09 -14.72 25.54
N ILE D 55 -17.04 -14.08 26.69
CA ILE D 55 -17.98 -14.36 27.77
C ILE D 55 -18.88 -13.16 28.02
N LEU D 56 -20.17 -13.32 27.77
CA LEU D 56 -21.17 -12.29 28.09
C LEU D 56 -21.84 -12.63 29.41
N THR D 57 -21.95 -11.63 30.28
CA THR D 57 -22.55 -11.85 31.57
C THR D 57 -23.65 -10.84 31.81
N LYS D 58 -24.41 -11.08 32.86
CA LYS D 58 -25.49 -10.20 33.25
C LYS D 58 -24.98 -9.14 34.21
N LEU D 59 -24.93 -7.91 33.73
CA LEU D 59 -24.58 -6.76 34.53
C LEU D 59 -25.48 -5.64 34.06
N GLY D 60 -26.61 -5.46 34.74
CA GLY D 60 -27.63 -4.55 34.26
C GLY D 60 -28.40 -5.17 33.11
N ASN D 61 -29.03 -4.36 32.27
CA ASN D 61 -29.90 -4.89 31.21
C ASN D 61 -29.18 -5.12 29.88
N VAL D 62 -28.05 -4.44 29.67
CA VAL D 62 -27.27 -4.59 28.43
C VAL D 62 -26.24 -5.69 28.60
N PRO D 63 -26.15 -6.62 27.63
CA PRO D 63 -25.13 -7.67 27.70
C PRO D 63 -23.74 -7.08 27.97
N TYR D 64 -23.06 -7.64 28.96
CA TYR D 64 -21.76 -7.16 29.38
C TYR D 64 -20.70 -8.16 28.95
N LEU D 65 -19.72 -7.72 28.17
CA LEU D 65 -18.67 -8.62 27.75
C LEU D 65 -17.60 -8.62 28.84
N ASP D 66 -17.66 -9.65 29.69
CA ASP D 66 -16.81 -9.73 30.87
C ASP D 66 -15.38 -10.22 30.58
N LYS D 67 -15.22 -11.05 29.55
CA LYS D 67 -13.90 -11.59 29.19
C LYS D 67 -13.81 -11.82 27.70
N PHE D 68 -12.78 -11.29 27.08
CA PHE D 68 -12.39 -11.67 25.72
C PHE D 68 -10.96 -12.19 25.82
N ALA D 69 -10.81 -13.49 25.68
CA ALA D 69 -9.54 -14.15 25.89
C ALA D 69 -9.09 -14.81 24.61
N VAL D 70 -7.91 -14.47 24.14
CA VAL D 70 -7.38 -15.06 22.91
C VAL D 70 -5.91 -15.38 23.12
N LEU D 71 -5.51 -16.62 22.86
CA LEU D 71 -4.10 -16.99 22.96
C LEU D 71 -3.29 -16.33 21.85
N ASP D 72 -2.04 -15.97 22.16
CA ASP D 72 -1.15 -15.33 21.18
C ASP D 72 -1.03 -16.16 19.92
N ASP D 73 -0.94 -17.48 20.08
CA ASP D 73 -0.70 -18.35 18.93
C ASP D 73 -1.95 -18.56 18.07
N ALA D 74 -3.06 -17.93 18.49
CA ALA D 74 -4.32 -18.03 17.75
C ALA D 74 -4.67 -16.72 17.03
N GLN D 75 -3.85 -15.70 17.26
CA GLN D 75 -4.10 -14.38 16.68
C GLN D 75 -3.83 -14.36 15.17
N GLY D 76 -2.87 -15.17 14.73
CA GLY D 76 -2.47 -15.20 13.33
C GLY D 76 -3.53 -15.73 12.39
N GLU D 77 -4.44 -16.55 12.92
CA GLU D 77 -5.47 -17.18 12.12
C GLU D 77 -6.80 -16.45 12.23
N GLY D 78 -6.83 -15.39 13.04
CA GLY D 78 -8.02 -14.59 13.23
C GLY D 78 -9.10 -15.32 14.01
N LEU D 79 -8.69 -16.13 14.98
CA LEU D 79 -9.63 -16.93 15.74
C LEU D 79 -10.46 -16.08 16.69
N GLY D 80 -9.83 -15.11 17.34
CA GLY D 80 -10.57 -14.21 18.21
C GLY D 80 -11.64 -13.46 17.45
N ARG D 81 -11.30 -13.02 16.24
CA ARG D 81 -12.24 -12.26 15.40
C ARG D 81 -13.44 -13.10 15.01
N ALA D 82 -13.19 -14.38 14.74
CA ALA D 82 -14.23 -15.28 14.30
C ALA D 82 -15.25 -15.49 15.42
N VAL D 83 -14.77 -15.69 16.63
CA VAL D 83 -15.63 -15.89 17.78
C VAL D 83 -16.43 -14.63 18.10
N TRP D 84 -15.76 -13.49 18.05
CA TRP D 84 -16.44 -12.21 18.25
C TRP D 84 -17.55 -11.99 17.22
N SER D 85 -17.27 -12.32 15.96
CA SER D 85 -18.25 -12.18 14.88
C SER D 85 -19.54 -12.94 15.15
N ILE D 86 -19.41 -14.19 15.60
CA ILE D 86 -20.56 -15.01 15.94
C ILE D 86 -21.36 -14.39 17.08
N MET D 87 -20.65 -13.90 18.09
CA MET D 87 -21.32 -13.22 19.19
C MET D 87 -22.10 -11.99 18.70
N ARG D 88 -21.46 -11.17 17.87
CA ARG D 88 -22.12 -9.94 17.41
C ARG D 88 -23.33 -10.20 16.55
N GLU D 89 -23.39 -11.35 15.90
CA GLU D 89 -24.52 -11.61 15.00
C GLU D 89 -25.83 -11.75 15.78
N GLU D 90 -25.75 -12.08 17.08
CA GLU D 90 -26.95 -12.12 17.89
C GLU D 90 -26.89 -11.20 19.10
N THR D 91 -25.95 -10.26 19.10
CA THR D 91 -25.77 -9.33 20.22
C THR D 91 -25.64 -7.90 19.70
N PRO D 92 -26.78 -7.26 19.44
CA PRO D 92 -26.72 -5.93 18.82
C PRO D 92 -26.23 -4.84 19.77
N GLN D 93 -26.44 -5.05 21.07
CA GLN D 93 -26.01 -4.10 22.09
C GLN D 93 -25.14 -4.80 23.11
N LEU D 94 -24.02 -4.17 23.45
CA LEU D 94 -23.16 -4.69 24.50
C LEU D 94 -22.21 -3.60 24.96
N PHE D 95 -21.60 -3.82 26.12
CA PHE D 95 -20.58 -2.91 26.62
C PHE D 95 -19.53 -3.72 27.34
N TRP D 96 -18.35 -3.11 27.52
CA TRP D 96 -17.21 -3.81 28.11
C TRP D 96 -16.17 -2.79 28.51
N ARG D 97 -15.14 -3.24 29.22
CA ARG D 97 -14.09 -2.35 29.69
C ARG D 97 -12.72 -2.95 29.39
N SER D 98 -11.72 -2.09 29.37
CA SER D 98 -10.34 -2.55 29.22
C SER D 98 -9.36 -1.67 29.98
N ARG D 99 -8.23 -2.27 30.37
CA ARG D 99 -7.06 -1.53 30.84
C ARG D 99 -6.25 -1.04 29.65
N HIS D 100 -5.38 -0.06 29.91
CA HIS D 100 -4.49 0.48 28.88
C HIS D 100 -3.60 -0.58 28.23
N ASN D 101 -3.25 -1.62 28.97
CA ASN D 101 -2.34 -2.66 28.47
C ASN D 101 -3.04 -3.89 27.88
N ASN D 102 -4.34 -3.77 27.64
CA ASN D 102 -5.11 -4.87 27.06
C ASN D 102 -4.73 -5.06 25.59
N GLN D 103 -4.37 -6.29 25.22
CA GLN D 103 -3.86 -6.59 23.88
C GLN D 103 -4.91 -6.42 22.78
N ALA D 104 -6.18 -6.35 23.18
CA ALA D 104 -7.28 -6.28 22.23
C ALA D 104 -7.70 -4.83 21.91
N ASN D 105 -6.99 -3.85 22.47
CA ASN D 105 -7.47 -2.46 22.34
C ASN D 105 -7.59 -1.95 20.91
N ALA D 106 -6.64 -2.24 20.03
CA ALA D 106 -6.78 -1.82 18.64
C ALA D 106 -8.06 -2.38 18.02
N PHE D 107 -8.36 -3.63 18.33
CA PHE D 107 -9.57 -4.28 17.84
C PHE D 107 -10.81 -3.58 18.39
N TYR D 108 -10.78 -3.28 19.68
CA TYR D 108 -11.88 -2.56 20.32
C TYR D 108 -12.12 -1.19 19.67
N TYR D 109 -11.04 -0.50 19.32
CA TYR D 109 -11.17 0.79 18.66
C TYR D 109 -11.87 0.69 17.32
N ALA D 110 -11.59 -0.37 16.58
CA ALA D 110 -12.18 -0.60 15.27
C ALA D 110 -13.62 -1.09 15.38
N GLU D 111 -13.90 -1.80 16.46
CA GLU D 111 -15.18 -2.51 16.61
C GLU D 111 -16.24 -1.68 17.32
N SER D 112 -15.82 -0.88 18.30
CA SER D 112 -16.79 -0.17 19.13
C SER D 112 -17.50 0.98 18.43
N ASP D 113 -18.63 1.39 19.00
CA ASP D 113 -19.32 2.59 18.52
C ASP D 113 -18.92 3.81 19.33
N GLY D 114 -18.20 3.59 20.42
CA GLY D 114 -17.70 4.69 21.23
C GLY D 114 -16.99 4.16 22.45
N TYR D 115 -16.28 5.05 23.15
CA TYR D 115 -15.78 4.73 24.48
C TYR D 115 -15.65 5.99 25.34
N TYR D 116 -15.51 5.76 26.63
CA TYR D 116 -15.36 6.81 27.61
C TYR D 116 -14.37 6.34 28.66
N LYS D 117 -13.36 7.13 28.96
CA LYS D 117 -12.38 6.73 29.97
C LYS D 117 -12.79 7.19 31.37
N GLN D 118 -12.77 6.27 32.33
CA GLN D 118 -12.95 6.65 33.72
C GLN D 118 -12.17 5.71 34.63
N ASP D 119 -11.50 6.29 35.62
CA ASP D 119 -10.69 5.56 36.62
C ASP D 119 -9.87 4.43 35.99
N HIS D 120 -8.90 4.82 35.18
CA HIS D 120 -8.00 3.93 34.41
C HIS D 120 -8.67 2.73 33.72
N TRP D 121 -9.95 2.89 33.39
CA TRP D 121 -10.64 2.01 32.43
C TRP D 121 -11.03 2.79 31.19
N LYS D 122 -11.04 2.13 30.04
CA LYS D 122 -11.81 2.62 28.89
C LYS D 122 -13.06 1.77 28.82
N ILE D 123 -14.23 2.41 28.77
CA ILE D 123 -15.51 1.72 28.70
C ILE D 123 -16.05 1.85 27.30
N PHE D 124 -16.19 0.72 26.63
CA PHE D 124 -16.60 0.64 25.23
C PHE D 124 -18.06 0.22 25.11
N TRP D 125 -18.72 0.62 24.04
CA TRP D 125 -20.05 0.10 23.77
C TRP D 125 -20.30 -0.09 22.29
N ASN D 126 -21.28 -0.93 22.00
CA ASN D 126 -21.85 -1.11 20.67
C ASN D 126 -23.36 -1.04 20.73
N GLY D 127 -23.97 -0.41 19.72
CA GLY D 127 -25.40 -0.54 19.49
C GLY D 127 -26.30 0.26 20.38
N LEU D 128 -25.72 1.09 21.23
CA LEU D 128 -26.50 2.02 22.03
C LEU D 128 -26.46 3.32 21.27
N HIS D 129 -27.38 4.23 21.60
CA HIS D 129 -27.09 5.67 21.58
C HIS D 129 -28.29 6.50 21.99
N HIS D 130 -28.68 6.28 23.23
CA HIS D 130 -29.18 7.34 24.08
C HIS D 130 -28.01 7.56 25.02
N PHE D 131 -27.57 8.81 25.18
CA PHE D 131 -26.47 9.10 26.07
C PHE D 131 -26.79 8.60 27.48
N GLN D 132 -28.08 8.53 27.80
CA GLN D 132 -28.52 7.96 29.07
C GLN D 132 -28.06 6.51 29.23
N GLN D 133 -28.23 5.72 28.17
CA GLN D 133 -27.75 4.34 28.13
C GLN D 133 -26.24 4.25 28.31
N ILE D 134 -25.52 5.13 27.64
CA ILE D 134 -24.07 5.16 27.72
C ILE D 134 -23.58 5.42 29.15
N GLN D 135 -24.15 6.43 29.82
CA GLN D 135 -23.75 6.75 31.18
C GLN D 135 -24.01 5.58 32.13
N GLN D 136 -25.10 4.87 31.84
CA GLN D 136 -25.47 3.68 32.58
C GLN D 136 -24.39 2.59 32.47
N CYS D 137 -23.93 2.33 31.25
CA CYS D 137 -22.82 1.40 31.01
C CYS D 137 -21.58 1.84 31.81
N VAL D 138 -21.25 3.13 31.77
CA VAL D 138 -20.06 3.64 32.44
C VAL D 138 -20.20 3.44 33.95
N ALA D 139 -21.37 3.73 34.50
CA ALA D 139 -21.65 3.52 35.91
C ALA D 139 -21.39 2.06 36.30
N HIS D 140 -21.99 1.14 35.56
CA HIS D 140 -21.81 -0.29 35.82
C HIS D 140 -20.32 -0.70 35.91
N CYS D 141 -19.47 -0.16 35.02
CA CYS D 141 -18.07 -0.63 34.91
C CYS D 141 -17.10 -0.14 35.98
N THR D 142 -17.29 1.09 36.43
CA THR D 142 -16.35 1.69 37.37
C THR D 142 -16.55 1.11 38.77
N GLN D 143 -17.75 0.61 39.02
CA GLN D 143 -18.12 0.05 40.32
C GLN D 143 -17.71 -1.43 40.43
N HIS D 144 -17.64 -2.09 39.28
CA HIS D 144 -17.41 -3.53 39.22
C HIS D 144 -15.98 -3.91 39.62
N PRO D 145 -15.83 -4.71 40.69
CA PRO D 145 -14.49 -5.13 41.11
C PRO D 145 -13.71 -5.87 40.02
N PRO D 146 -12.37 -5.76 40.04
CA PRO D 146 -11.55 -6.58 39.13
C PRO D 146 -11.72 -8.08 39.44
N THR D 147 -11.79 -8.90 38.40
CA THR D 147 -11.83 -10.35 38.61
C THR D 147 -10.56 -11.03 38.09
N LEU D 148 -9.60 -10.21 37.68
CA LEU D 148 -8.24 -10.69 37.42
C LEU D 148 -7.32 -10.10 38.47
N ILE D 149 -6.38 -10.91 38.95
CA ILE D 149 -5.52 -10.52 40.07
C ILE D 149 -4.07 -10.89 39.82
N ASP D 150 -3.16 -10.24 40.53
CA ASP D 150 -1.72 -10.48 40.40
C ASP D 150 -1.27 -10.33 38.94
N MET E 4 -28.07 5.44 6.57
CA MET E 4 -26.89 4.82 7.15
C MET E 4 -26.09 4.06 6.09
N VAL E 5 -24.77 4.03 6.24
CA VAL E 5 -23.91 3.34 5.28
C VAL E 5 -23.01 2.34 5.98
N ILE E 6 -22.96 1.13 5.43
CA ILE E 6 -22.12 0.08 5.95
C ILE E 6 -20.69 0.25 5.45
N ARG E 7 -19.73 0.28 6.36
CA ARG E 7 -18.33 0.38 6.00
C ARG E 7 -17.67 -0.94 6.33
N ALA E 8 -16.99 -1.53 5.37
CA ALA E 8 -16.31 -2.81 5.60
C ALA E 8 -14.88 -2.78 5.08
N THR E 9 -13.95 -3.37 5.83
CA THR E 9 -12.59 -3.54 5.34
C THR E 9 -12.29 -5.02 5.07
N THR E 10 -13.27 -5.88 5.33
CA THR E 10 -13.19 -7.31 4.97
C THR E 10 -14.51 -7.77 4.39
N TRP E 11 -14.46 -8.68 3.41
CA TRP E 11 -15.69 -9.24 2.84
C TRP E 11 -16.54 -9.98 3.91
N LYS E 12 -15.90 -10.41 4.99
CA LYS E 12 -16.60 -11.12 6.07
C LYS E 12 -17.64 -10.25 6.76
N ASP E 13 -17.53 -8.94 6.61
CA ASP E 13 -18.44 -8.00 7.27
C ASP E 13 -19.64 -7.63 6.39
N LEU E 14 -19.76 -8.28 5.24
CA LEU E 14 -20.86 -8.00 4.32
C LEU E 14 -21.70 -9.25 4.00
N ASP E 15 -22.94 -9.01 3.59
CA ASP E 15 -23.82 -10.06 3.11
C ASP E 15 -23.50 -10.24 1.61
N LEU E 16 -22.64 -11.21 1.31
CA LEU E 16 -22.13 -11.34 -0.05
C LEU E 16 -23.19 -11.79 -1.08
N PRO E 17 -24.08 -12.73 -0.74
CA PRO E 17 -25.13 -13.02 -1.74
C PRO E 17 -25.98 -11.81 -2.07
N ARG E 18 -26.29 -11.00 -1.06
CA ARG E 18 -27.07 -9.80 -1.26
C ARG E 18 -26.30 -8.77 -2.08
N LEU E 19 -25.00 -8.64 -1.82
CA LEU E 19 -24.17 -7.70 -2.56
C LEU E 19 -24.01 -8.16 -4.02
N GLN E 20 -23.84 -9.47 -4.22
CA GLN E 20 -23.79 -10.02 -5.57
C GLN E 20 -25.08 -9.71 -6.34
N HIS E 21 -26.23 -9.87 -5.70
CA HIS E 21 -27.51 -9.56 -6.34
C HIS E 21 -27.60 -8.07 -6.73
N LEU E 22 -27.18 -7.19 -5.83
CA LEU E 22 -27.13 -5.76 -6.13
C LEU E 22 -26.26 -5.48 -7.36
N ILE E 23 -25.06 -6.05 -7.39
CA ILE E 23 -24.13 -5.80 -8.48
C ILE E 23 -24.71 -6.32 -9.79
N GLN E 24 -25.24 -7.54 -9.76
CA GLN E 24 -25.73 -8.18 -10.97
C GLN E 24 -26.98 -7.48 -11.49
N SER E 25 -27.82 -6.99 -10.58
CA SER E 25 -29.00 -6.23 -10.97
C SER E 25 -28.64 -4.90 -11.64
N SER E 26 -27.68 -4.18 -11.04
CA SER E 26 -27.26 -2.88 -11.53
C SER E 26 -26.63 -2.96 -12.92
N PHE E 27 -25.76 -3.94 -13.11
CA PHE E 27 -25.01 -4.03 -14.36
C PHE E 27 -25.70 -4.91 -15.41
N ARG E 28 -26.77 -5.61 -15.03
CA ARG E 28 -27.44 -6.61 -15.89
C ARG E 28 -26.45 -7.63 -16.41
N ARG E 29 -25.49 -7.97 -15.57
CA ARG E 29 -24.46 -8.95 -15.91
C ARG E 29 -24.13 -9.76 -14.68
N THR E 30 -23.68 -10.97 -14.91
CA THR E 30 -23.28 -11.88 -13.85
C THR E 30 -21.85 -11.57 -13.40
N LEU E 31 -21.62 -11.59 -12.09
CA LEU E 31 -20.27 -11.51 -11.53
C LEU E 31 -19.51 -12.78 -11.83
N ILE E 32 -18.22 -12.68 -12.12
CA ILE E 32 -17.46 -13.90 -12.38
C ILE E 32 -17.43 -14.78 -11.14
N PRO E 33 -17.37 -16.10 -11.34
CA PRO E 33 -17.24 -17.00 -10.19
C PRO E 33 -16.04 -16.62 -9.32
N HIS E 34 -16.22 -16.77 -8.01
CA HIS E 34 -15.18 -16.53 -7.00
C HIS E 34 -14.70 -15.10 -6.92
N TYR E 35 -15.48 -14.15 -7.44
CA TYR E 35 -15.13 -12.75 -7.37
C TYR E 35 -14.70 -12.31 -5.95
N PHE E 36 -15.49 -12.63 -4.94
CA PHE E 36 -15.15 -12.13 -3.62
C PHE E 36 -13.88 -12.79 -3.06
N GLU E 37 -13.68 -14.06 -3.39
CA GLU E 37 -12.51 -14.79 -2.93
C GLU E 37 -11.21 -14.35 -3.61
N THR E 38 -11.32 -13.77 -4.82
CA THR E 38 -10.11 -13.44 -5.58
C THR E 38 -9.81 -11.95 -5.62
N THR E 39 -10.71 -11.14 -5.07
CA THR E 39 -10.58 -9.68 -5.12
C THR E 39 -10.09 -9.13 -3.80
N PRO E 40 -8.91 -8.50 -3.77
CA PRO E 40 -8.39 -7.96 -2.51
C PRO E 40 -9.09 -6.67 -2.14
N LEU E 41 -9.96 -6.75 -1.15
CA LEU E 41 -10.75 -5.59 -0.75
C LEU E 41 -9.88 -4.56 -0.02
N LEU E 42 -10.05 -3.28 -0.36
CA LEU E 42 -9.49 -2.20 0.42
C LEU E 42 -10.56 -1.67 1.36
N ARG E 43 -11.65 -1.17 0.79
CA ARG E 43 -12.79 -0.62 1.54
C ARG E 43 -14.05 -0.82 0.74
N ALA E 44 -15.14 -1.20 1.40
CA ALA E 44 -16.46 -1.16 0.75
C ALA E 44 -17.40 -0.22 1.49
N TYR E 45 -18.30 0.40 0.73
CA TYR E 45 -19.36 1.25 1.25
C TYR E 45 -20.65 0.71 0.68
N VAL E 46 -21.57 0.31 1.54
CA VAL E 46 -22.81 -0.29 1.05
C VAL E 46 -23.97 0.37 1.77
N SER E 47 -24.97 0.84 1.03
CA SER E 47 -26.15 1.42 1.68
C SER E 47 -26.83 0.38 2.55
N GLU E 48 -27.53 0.86 3.58
CA GLU E 48 -28.11 0.00 4.61
C GLU E 48 -28.87 -1.18 4.02
N ASN E 49 -29.64 -0.89 2.98
CA ASN E 49 -30.51 -1.90 2.38
C ASN E 49 -30.01 -2.41 1.04
N TYR E 50 -28.70 -2.27 0.80
CA TYR E 50 -28.05 -2.85 -0.36
C TYR E 50 -28.70 -2.40 -1.68
N ARG E 51 -28.91 -1.09 -1.79
CA ARG E 51 -29.43 -0.50 -3.03
C ARG E 51 -28.36 0.30 -3.78
N ALA E 52 -27.21 0.49 -3.14
CA ALA E 52 -26.07 1.15 -3.78
C ALA E 52 -24.79 0.72 -3.08
N ALA E 53 -23.69 0.61 -3.84
CA ALA E 53 -22.43 0.18 -3.25
C ALA E 53 -21.25 0.75 -4.01
N VAL E 54 -20.17 1.02 -3.28
CA VAL E 54 -18.88 1.38 -3.85
C VAL E 54 -17.86 0.41 -3.27
N ILE E 55 -17.10 -0.24 -4.16
CA ILE E 55 -16.06 -1.19 -3.76
C ILE E 55 -14.69 -0.68 -4.20
N LEU E 56 -13.81 -0.42 -3.24
CA LEU E 56 -12.41 -0.07 -3.52
C LEU E 56 -11.51 -1.27 -3.30
N THR E 57 -10.55 -1.47 -4.20
CA THR E 57 -9.66 -2.61 -4.11
C THR E 57 -8.24 -2.19 -4.32
N LYS E 58 -7.33 -3.14 -4.11
CA LYS E 58 -5.90 -2.96 -4.34
C LYS E 58 -5.55 -3.24 -5.80
N LEU E 59 -5.10 -2.20 -6.49
CA LEU E 59 -4.58 -2.35 -7.85
C LEU E 59 -3.55 -1.26 -8.06
N GLY E 60 -2.30 -1.56 -7.74
CA GLY E 60 -1.23 -0.58 -7.79
C GLY E 60 -1.21 0.32 -6.57
N ASN E 61 -0.59 1.48 -6.71
CA ASN E 61 -0.35 2.43 -5.61
C ASN E 61 -1.58 3.26 -5.19
N VAL E 62 -2.55 3.37 -6.08
CA VAL E 62 -3.71 4.25 -5.89
C VAL E 62 -4.96 3.41 -5.66
N PRO E 63 -5.80 3.79 -4.68
CA PRO E 63 -7.08 3.08 -4.53
C PRO E 63 -7.85 2.96 -5.83
N TYR E 64 -8.34 1.77 -6.12
CA TYR E 64 -9.05 1.46 -7.36
C TYR E 64 -10.54 1.22 -7.09
N LEU E 65 -11.41 1.98 -7.74
CA LEU E 65 -12.84 1.78 -7.56
C LEU E 65 -13.28 0.68 -8.52
N ASP E 66 -13.41 -0.53 -7.98
CA ASP E 66 -13.69 -1.71 -8.80
C ASP E 66 -15.16 -1.84 -9.24
N LYS E 67 -16.08 -1.40 -8.39
CA LYS E 67 -17.52 -1.47 -8.68
C LYS E 67 -18.26 -0.27 -8.09
N PHE E 68 -19.05 0.38 -8.92
CA PHE E 68 -20.07 1.33 -8.46
C PHE E 68 -21.42 0.81 -8.93
N ALA E 69 -22.20 0.29 -7.99
CA ALA E 69 -23.47 -0.36 -8.34
C ALA E 69 -24.61 0.40 -7.69
N VAL E 70 -25.56 0.84 -8.51
CA VAL E 70 -26.73 1.57 -8.02
C VAL E 70 -27.97 1.04 -8.73
N LEU E 71 -28.98 0.67 -7.95
CA LEU E 71 -30.23 0.21 -8.55
C LEU E 71 -30.89 1.37 -9.29
N ASP E 72 -31.49 1.07 -10.44
CA ASP E 72 -32.26 2.06 -11.19
C ASP E 72 -33.20 2.87 -10.30
N ASP E 73 -33.94 2.19 -9.43
CA ASP E 73 -34.96 2.87 -8.65
C ASP E 73 -34.41 3.66 -7.45
N ALA E 74 -33.08 3.68 -7.30
CA ALA E 74 -32.46 4.43 -6.22
C ALA E 74 -31.92 5.77 -6.71
N GLN E 75 -32.05 6.03 -8.00
CA GLN E 75 -31.47 7.25 -8.57
C GLN E 75 -32.29 8.51 -8.26
N GLY E 76 -33.61 8.40 -8.14
CA GLY E 76 -34.40 9.57 -7.82
C GLY E 76 -34.00 10.20 -6.50
N GLU E 77 -33.74 9.36 -5.50
CA GLU E 77 -33.31 9.87 -4.20
C GLU E 77 -31.80 10.15 -4.15
N GLY E 78 -31.09 9.88 -5.24
CA GLY E 78 -29.66 10.13 -5.31
C GLY E 78 -28.83 9.26 -4.37
N LEU E 79 -29.26 8.03 -4.16
CA LEU E 79 -28.56 7.14 -3.23
C LEU E 79 -27.15 6.81 -3.67
N GLY E 80 -26.97 6.57 -4.96
CA GLY E 80 -25.65 6.34 -5.49
C GLY E 80 -24.74 7.52 -5.28
N ARG E 81 -25.25 8.73 -5.56
CA ARG E 81 -24.51 9.94 -5.34
C ARG E 81 -24.09 10.05 -3.88
N ALA E 82 -24.97 9.67 -2.96
CA ALA E 82 -24.69 9.80 -1.53
C ALA E 82 -23.59 8.82 -1.08
N VAL E 83 -23.66 7.59 -1.57
CA VAL E 83 -22.62 6.61 -1.22
C VAL E 83 -21.29 7.01 -1.87
N TRP E 84 -21.31 7.49 -3.11
CA TRP E 84 -20.10 8.00 -3.75
C TRP E 84 -19.49 9.13 -2.90
N SER E 85 -20.33 10.05 -2.44
CA SER E 85 -19.84 11.18 -1.65
C SER E 85 -19.16 10.73 -0.35
N ILE E 86 -19.72 9.71 0.30
CA ILE E 86 -19.17 9.21 1.56
C ILE E 86 -17.78 8.61 1.29
N MET E 87 -17.64 7.89 0.19
CA MET E 87 -16.33 7.40 -0.21
C MET E 87 -15.38 8.56 -0.51
N ARG E 88 -15.83 9.55 -1.29
CA ARG E 88 -14.93 10.58 -1.77
C ARG E 88 -14.39 11.48 -0.65
N GLU E 89 -15.20 11.72 0.36
CA GLU E 89 -14.77 12.68 1.37
C GLU E 89 -13.64 12.09 2.23
N GLU E 90 -13.33 10.81 2.04
CA GLU E 90 -12.19 10.21 2.74
C GLU E 90 -11.23 9.47 1.80
N THR E 91 -11.39 9.71 0.50
CA THR E 91 -10.58 9.08 -0.54
C THR E 91 -10.12 10.15 -1.50
N PRO E 92 -8.99 10.80 -1.20
CA PRO E 92 -8.56 11.94 -2.01
C PRO E 92 -8.01 11.51 -3.38
N GLN E 93 -7.57 10.26 -3.49
CA GLN E 93 -6.98 9.77 -4.73
C GLN E 93 -7.61 8.44 -5.09
N LEU E 94 -8.07 8.32 -6.33
CA LEU E 94 -8.62 7.06 -6.80
C LEU E 94 -8.64 7.04 -8.31
N PHE E 95 -8.78 5.85 -8.87
CA PHE E 95 -9.00 5.72 -10.30
C PHE E 95 -9.99 4.60 -10.57
N TRP E 96 -10.58 4.60 -11.75
CA TRP E 96 -11.57 3.60 -12.11
C TRP E 96 -11.76 3.55 -13.61
N ARG E 97 -12.56 2.59 -14.07
CA ARG E 97 -12.80 2.47 -15.49
C ARG E 97 -14.27 2.26 -15.78
N SER E 98 -14.63 2.45 -17.05
CA SER E 98 -16.02 2.33 -17.48
CA SER E 98 -16.01 2.20 -17.47
C SER E 98 -16.09 1.91 -18.95
N ARG E 99 -17.06 1.09 -19.33
CA ARG E 99 -17.32 0.90 -20.76
C ARG E 99 -17.81 2.21 -21.39
N HIS E 100 -17.63 2.34 -22.69
CA HIS E 100 -17.95 3.61 -23.35
C HIS E 100 -19.43 3.97 -23.32
N ASN E 101 -20.30 3.00 -23.10
CA ASN E 101 -21.75 3.27 -23.02
C ASN E 101 -22.31 3.14 -21.60
N ASN E 102 -21.46 3.09 -20.58
CA ASN E 102 -21.92 2.98 -19.19
C ASN E 102 -22.81 4.20 -18.86
N GLN E 103 -24.01 3.97 -18.34
CA GLN E 103 -24.95 5.06 -18.08
C GLN E 103 -24.43 6.03 -17.02
N ALA E 104 -23.44 5.61 -16.24
CA ALA E 104 -22.87 6.50 -15.23
C ALA E 104 -21.83 7.46 -15.80
N ASN E 105 -21.56 7.40 -17.10
CA ASN E 105 -20.45 8.20 -17.63
C ASN E 105 -20.64 9.71 -17.48
N ALA E 106 -21.87 10.22 -17.64
CA ALA E 106 -22.05 11.68 -17.46
C ALA E 106 -21.68 12.09 -16.04
N PHE E 107 -22.08 11.27 -15.07
CA PHE E 107 -21.68 11.45 -13.67
C PHE E 107 -20.15 11.38 -13.51
N TYR E 108 -19.53 10.36 -14.11
CA TYR E 108 -18.08 10.24 -14.02
C TYR E 108 -17.34 11.44 -14.63
N TYR E 109 -17.80 11.93 -15.79
CA TYR E 109 -17.20 13.11 -16.38
C TYR E 109 -17.26 14.29 -15.41
N ALA E 110 -18.36 14.41 -14.67
CA ALA E 110 -18.52 15.52 -13.72
C ALA E 110 -17.68 15.37 -12.46
N GLU E 111 -17.54 14.14 -11.98
CA GLU E 111 -16.90 13.88 -10.70
C GLU E 111 -15.40 13.75 -10.77
N SER E 112 -14.90 13.31 -11.92
CA SER E 112 -13.47 13.04 -12.08
C SER E 112 -12.63 14.30 -12.22
N ASP E 113 -11.34 14.18 -11.92
CA ASP E 113 -10.37 15.23 -12.22
C ASP E 113 -9.68 14.98 -13.55
N GLY E 114 -9.81 13.79 -14.08
CA GLY E 114 -9.11 13.47 -15.32
C GLY E 114 -9.72 12.26 -15.97
N TYR E 115 -9.41 12.10 -17.25
CA TYR E 115 -9.94 11.07 -18.11
C TYR E 115 -8.97 10.72 -19.21
N TYR E 116 -8.89 9.43 -19.55
CA TYR E 116 -8.13 8.98 -20.71
C TYR E 116 -8.97 7.92 -21.42
N LYS E 117 -9.20 8.15 -22.72
CA LYS E 117 -9.98 7.25 -23.54
C LYS E 117 -9.09 6.16 -24.10
N GLN E 118 -9.42 4.90 -23.83
CA GLN E 118 -8.74 3.77 -24.44
C GLN E 118 -9.73 3.02 -25.31
N ASP E 119 -9.25 1.98 -25.99
CA ASP E 119 -10.10 1.24 -26.92
C ASP E 119 -11.30 0.60 -26.23
N HIS E 120 -11.07 -0.15 -25.15
CA HIS E 120 -12.11 -0.95 -24.51
C HIS E 120 -12.74 -0.23 -23.34
N TRP E 121 -12.08 0.84 -22.88
CA TRP E 121 -12.43 1.46 -21.61
C TRP E 121 -12.23 2.97 -21.61
N LYS E 122 -13.06 3.66 -20.83
CA LYS E 122 -12.73 4.99 -20.32
C LYS E 122 -12.00 4.81 -19.02
N ILE E 123 -10.94 5.58 -18.79
CA ILE E 123 -10.25 5.55 -17.51
C ILE E 123 -10.43 6.92 -16.86
N PHE E 124 -10.84 6.93 -15.60
CA PHE E 124 -11.07 8.15 -14.83
C PHE E 124 -10.22 8.19 -13.58
N TRP E 125 -9.90 9.38 -13.06
CA TRP E 125 -9.22 9.44 -11.78
C TRP E 125 -9.54 10.74 -11.05
N ASN E 126 -9.24 10.75 -9.75
CA ASN E 126 -9.28 11.93 -8.90
C ASN E 126 -7.97 12.06 -8.18
N GLY E 127 -7.48 13.30 -8.05
CA GLY E 127 -6.40 13.61 -7.12
C GLY E 127 -5.00 13.19 -7.54
N LEU E 128 -4.80 12.93 -8.82
CA LEU E 128 -3.49 12.50 -9.32
C LEU E 128 -2.80 13.65 -10.06
N HIS E 129 -1.59 13.99 -9.62
CA HIS E 129 -0.92 15.16 -10.17
C HIS E 129 0.43 14.79 -10.77
N HIS E 130 0.79 13.52 -10.68
CA HIS E 130 2.01 13.03 -11.32
C HIS E 130 1.64 12.15 -12.51
N PHE E 131 2.03 12.57 -13.71
CA PHE E 131 1.58 11.92 -14.92
C PHE E 131 2.14 10.52 -15.12
N GLN E 132 3.28 10.22 -14.50
CA GLN E 132 3.80 8.86 -14.52
C GLN E 132 2.83 7.94 -13.80
N GLN E 133 2.28 8.41 -12.67
CA GLN E 133 1.31 7.62 -11.93
C GLN E 133 0.00 7.47 -12.72
N ILE E 134 -0.43 8.54 -13.40
CA ILE E 134 -1.61 8.47 -14.25
C ILE E 134 -1.43 7.43 -15.37
N GLN E 135 -0.29 7.49 -16.05
CA GLN E 135 0.07 6.51 -17.08
C GLN E 135 -0.01 5.06 -16.55
N GLN E 136 0.58 4.76 -15.38
CA GLN E 136 0.39 3.46 -14.67
C GLN E 136 -1.07 3.08 -14.45
N CYS E 137 -1.86 4.01 -13.95
CA CYS E 137 -3.26 3.72 -13.66
C CYS E 137 -3.97 3.34 -14.93
N VAL E 138 -3.67 4.04 -16.03
CA VAL E 138 -4.29 3.72 -17.31
C VAL E 138 -3.91 2.30 -17.74
N ALA E 139 -2.61 1.98 -17.63
CA ALA E 139 -2.16 0.64 -17.99
C ALA E 139 -2.83 -0.45 -17.13
N HIS E 140 -3.00 -0.21 -15.83
CA HIS E 140 -3.66 -1.18 -14.97
C HIS E 140 -5.07 -1.49 -15.44
N CYS E 141 -5.83 -0.45 -15.81
CA CYS E 141 -7.20 -0.63 -16.27
C CYS E 141 -7.32 -1.40 -17.55
N THR E 142 -6.39 -1.18 -18.46
CA THR E 142 -6.47 -1.83 -19.75
C THR E 142 -6.07 -3.30 -19.66
N GLN E 143 -5.17 -3.61 -18.72
CA GLN E 143 -4.70 -5.00 -18.59
C GLN E 143 -5.62 -5.85 -17.74
N HIS E 144 -6.30 -5.23 -16.77
CA HIS E 144 -7.12 -5.97 -15.82
C HIS E 144 -8.35 -6.56 -16.53
N PRO E 145 -8.59 -7.86 -16.33
CA PRO E 145 -9.71 -8.48 -17.04
C PRO E 145 -11.06 -8.02 -16.50
N PRO E 146 -12.11 -8.10 -17.34
CA PRO E 146 -13.46 -7.85 -16.85
C PRO E 146 -13.81 -8.88 -15.78
N THR E 147 -14.49 -8.45 -14.74
CA THR E 147 -15.00 -9.36 -13.72
C THR E 147 -16.52 -9.41 -13.72
N LEU E 148 -17.12 -8.89 -14.79
CA LEU E 148 -18.52 -9.11 -15.10
C LEU E 148 -18.57 -9.91 -16.41
N ILE E 149 -19.45 -10.90 -16.47
CA ILE E 149 -19.61 -11.74 -17.67
C ILE E 149 -20.44 -11.00 -18.71
N ASP E 150 -20.02 -11.03 -19.97
CA ASP E 150 -20.75 -10.34 -21.04
C ASP E 150 -22.22 -10.69 -21.07
N HIS F 3 -24.38 25.72 -45.05
CA HIS F 3 -23.60 24.65 -44.46
C HIS F 3 -22.13 24.74 -44.90
N MET F 4 -21.78 25.85 -45.55
CA MET F 4 -20.40 26.06 -45.98
C MET F 4 -19.54 26.56 -44.84
N VAL F 5 -18.26 26.22 -44.90
CA VAL F 5 -17.31 26.64 -43.88
C VAL F 5 -16.12 27.31 -44.55
N ILE F 6 -15.81 28.52 -44.09
CA ILE F 6 -14.62 29.25 -44.52
C ILE F 6 -13.40 28.68 -43.82
N ARG F 7 -12.44 28.19 -44.59
CA ARG F 7 -11.15 27.76 -44.03
C ARG F 7 -10.10 28.82 -44.33
N ALA F 8 -9.46 29.35 -43.31
CA ALA F 8 -8.49 30.42 -43.49
C ALA F 8 -7.16 30.12 -42.79
N THR F 9 -6.06 30.50 -43.44
CA THR F 9 -4.74 30.31 -42.85
C THR F 9 -4.09 31.64 -42.52
N THR F 10 -4.81 32.72 -42.77
CA THR F 10 -4.35 34.06 -42.42
C THR F 10 -5.54 34.89 -41.95
N TRP F 11 -5.31 35.78 -40.98
CA TRP F 11 -6.39 36.65 -40.51
C TRP F 11 -6.90 37.56 -41.63
N LYS F 12 -6.08 37.80 -42.65
CA LYS F 12 -6.48 38.68 -43.77
C LYS F 12 -7.65 38.11 -44.57
N ASP F 13 -7.89 36.80 -44.43
CA ASP F 13 -8.96 36.17 -45.20
C ASP F 13 -10.26 36.09 -44.42
N LEU F 14 -10.32 36.79 -43.29
CA LEU F 14 -11.53 36.82 -42.48
C LEU F 14 -11.99 38.25 -42.18
N ASP F 15 -13.27 38.38 -41.89
CA ASP F 15 -13.86 39.64 -41.46
C ASP F 15 -13.67 39.73 -39.95
N LEU F 16 -12.63 40.44 -39.52
CA LEU F 16 -12.23 40.42 -38.12
C LEU F 16 -13.23 41.12 -37.18
N PRO F 17 -13.77 42.29 -37.57
CA PRO F 17 -14.82 42.82 -36.68
C PRO F 17 -16.01 41.87 -36.52
N ARG F 18 -16.41 41.20 -37.60
CA ARG F 18 -17.50 40.24 -37.55
C ARG F 18 -17.14 39.03 -36.69
N LEU F 19 -15.89 38.59 -36.78
CA LEU F 19 -15.41 37.48 -35.97
C LEU F 19 -15.35 37.86 -34.50
N GLN F 20 -14.88 39.08 -34.22
CA GLN F 20 -14.86 39.57 -32.85
C GLN F 20 -16.27 39.60 -32.27
N HIS F 21 -17.22 40.07 -33.05
CA HIS F 21 -18.60 40.12 -32.58
C HIS F 21 -19.14 38.72 -32.28
N LEU F 22 -18.81 37.75 -33.13
CA LEU F 22 -19.21 36.37 -32.90
C LEU F 22 -18.63 35.85 -31.59
N ILE F 23 -17.33 36.03 -31.41
CA ILE F 23 -16.67 35.55 -30.20
C ILE F 23 -17.31 36.21 -28.97
N GLN F 24 -17.49 37.52 -29.00
CA GLN F 24 -18.03 38.22 -27.84
C GLN F 24 -19.47 37.86 -27.56
N SER F 25 -20.26 37.65 -28.61
CA SER F 25 -21.65 37.26 -28.44
C SER F 25 -21.77 35.84 -27.90
N SER F 26 -20.92 34.95 -28.39
CA SER F 26 -20.93 33.54 -27.97
C SER F 26 -20.55 33.38 -26.50
N PHE F 27 -19.46 34.04 -26.11
CA PHE F 27 -18.95 33.92 -24.75
C PHE F 27 -19.58 34.88 -23.76
N ARG F 28 -20.28 35.89 -24.28
CA ARG F 28 -20.84 36.95 -23.42
C ARG F 28 -19.74 37.59 -22.59
N ARG F 29 -18.57 37.72 -23.21
CA ARG F 29 -17.42 38.39 -22.60
CA ARG F 29 -17.42 38.38 -22.60
C ARG F 29 -16.73 39.24 -23.66
N THR F 30 -15.80 40.09 -23.23
CA THR F 30 -15.07 40.95 -24.13
C THR F 30 -13.76 40.29 -24.57
N LEU F 31 -13.42 40.41 -25.84
CA LEU F 31 -12.14 39.92 -26.35
C LEU F 31 -11.06 40.95 -26.04
N ILE F 32 -9.92 40.50 -25.52
CA ILE F 32 -8.86 41.42 -25.11
C ILE F 32 -8.41 42.24 -26.31
N PRO F 33 -8.10 43.53 -26.09
CA PRO F 33 -7.62 44.34 -27.21
C PRO F 33 -6.36 43.75 -27.88
N HIS F 34 -6.27 43.91 -29.20
CA HIS F 34 -5.12 43.45 -29.99
C HIS F 34 -5.02 41.92 -30.07
N TYR F 35 -6.14 41.25 -29.84
CA TYR F 35 -6.17 39.78 -29.93
C TYR F 35 -5.65 39.28 -31.27
N PHE F 36 -6.21 39.78 -32.37
CA PHE F 36 -5.84 39.20 -33.67
C PHE F 36 -4.37 39.44 -33.99
N GLU F 37 -3.90 40.64 -33.70
CA GLU F 37 -2.52 41.01 -34.02
C GLU F 37 -1.49 40.28 -33.17
N THR F 38 -1.90 39.73 -32.02
CA THR F 38 -0.95 39.07 -31.13
C THR F 38 -1.16 37.55 -31.05
N THR F 39 -2.08 37.04 -31.88
CA THR F 39 -2.38 35.62 -31.90
C THR F 39 -1.91 34.97 -33.20
N PRO F 40 -0.89 34.11 -33.12
CA PRO F 40 -0.36 33.41 -34.30
C PRO F 40 -1.33 32.36 -34.86
N LEU F 41 -2.06 32.72 -35.90
CA LEU F 41 -3.05 31.81 -36.48
C LEU F 41 -2.39 30.61 -37.17
N LEU F 42 -2.90 29.42 -36.85
CA LEU F 42 -2.57 28.24 -37.63
C LEU F 42 -3.64 28.04 -38.71
N ARG F 43 -4.87 27.79 -38.28
CA ARG F 43 -6.02 27.66 -39.19
C ARG F 43 -7.27 28.12 -38.48
N ALA F 44 -8.17 28.81 -39.19
CA ALA F 44 -9.50 29.10 -38.66
C ALA F 44 -10.55 28.47 -39.56
N TYR F 45 -11.68 28.15 -38.94
CA TYR F 45 -12.83 27.56 -39.59
C TYR F 45 -14.04 28.34 -39.14
N VAL F 46 -14.70 29.02 -40.08
CA VAL F 46 -15.79 29.91 -39.73
C VAL F 46 -16.98 29.59 -40.61
N SER F 47 -18.14 29.37 -40.00
CA SER F 47 -19.35 29.11 -40.77
C SER F 47 -19.62 30.32 -41.66
N GLU F 48 -20.21 30.08 -42.83
CA GLU F 48 -20.35 31.15 -43.82
C GLU F 48 -20.98 32.43 -43.26
N ASN F 49 -21.99 32.28 -42.41
CA ASN F 49 -22.64 33.47 -41.85
C ASN F 49 -22.17 33.80 -40.43
N TYR F 50 -20.99 33.29 -40.07
CA TYR F 50 -20.31 33.68 -38.83
C TYR F 50 -21.16 33.42 -37.58
N ARG F 51 -21.74 32.22 -37.50
CA ARG F 51 -22.51 31.83 -36.33
C ARG F 51 -21.78 30.75 -35.54
N ALA F 52 -20.67 30.26 -36.09
CA ALA F 52 -19.80 29.30 -35.41
C ALA F 52 -18.37 29.42 -35.93
N ALA F 53 -17.39 29.26 -35.05
CA ALA F 53 -16.00 29.35 -35.44
C ALA F 53 -15.11 28.50 -34.55
N VAL F 54 -14.10 27.91 -35.17
CA VAL F 54 -13.00 27.25 -34.49
C VAL F 54 -11.70 27.95 -34.89
N ILE F 55 -10.92 28.37 -33.90
CA ILE F 55 -9.63 29.01 -34.16
C ILE F 55 -8.50 28.17 -33.58
N LEU F 56 -7.60 27.72 -34.46
CA LEU F 56 -6.40 26.99 -34.08
C LEU F 56 -5.18 27.89 -34.13
N THR F 57 -4.33 27.78 -33.12
CA THR F 57 -3.13 28.61 -33.02
C THR F 57 -1.94 27.77 -32.59
N LYS F 58 -0.77 28.39 -32.60
CA LYS F 58 0.46 27.76 -32.17
C LYS F 58 0.65 27.96 -30.67
N LEU F 59 0.66 26.84 -29.93
CA LEU F 59 1.06 26.83 -28.54
C LEU F 59 1.76 25.51 -28.25
N GLY F 60 3.09 25.49 -28.35
CA GLY F 60 3.87 24.27 -28.16
C GLY F 60 3.80 23.35 -29.38
N ASN F 61 4.08 22.07 -29.17
CA ASN F 61 4.18 21.10 -30.28
C ASN F 61 2.86 20.78 -30.97
N VAL F 62 1.75 20.92 -30.25
CA VAL F 62 0.44 20.43 -30.67
C VAL F 62 -0.48 21.61 -31.04
N PRO F 63 -1.26 21.48 -32.13
CA PRO F 63 -2.25 22.53 -32.42
C PRO F 63 -3.16 22.83 -31.24
N TYR F 64 -3.37 24.12 -30.97
CA TYR F 64 -4.12 24.59 -29.82
C TYR F 64 -5.42 25.22 -30.28
N LEU F 65 -6.54 24.70 -29.79
CA LEU F 65 -7.83 25.27 -30.15
C LEU F 65 -8.11 26.41 -29.20
N ASP F 66 -7.85 27.63 -29.69
CA ASP F 66 -7.91 28.82 -28.85
C ASP F 66 -9.33 29.35 -28.62
N LYS F 67 -10.22 29.17 -29.60
CA LYS F 67 -11.61 29.59 -29.48
C LYS F 67 -12.53 28.62 -30.20
N PHE F 68 -13.56 28.16 -29.50
CA PHE F 68 -14.72 27.53 -30.11
C PHE F 68 -15.90 28.39 -29.77
N ALA F 69 -16.36 29.16 -30.75
CA ALA F 69 -17.41 30.15 -30.52
C ALA F 69 -18.64 29.78 -31.31
N VAL F 70 -19.74 29.49 -30.61
CA VAL F 70 -20.98 29.12 -31.27
C VAL F 70 -22.14 29.88 -30.63
N LEU F 71 -22.94 30.57 -31.42
CA LEU F 71 -24.11 31.27 -30.91
C LEU F 71 -25.14 30.25 -30.38
N ASP F 72 -25.89 30.62 -29.34
CA ASP F 72 -27.01 29.79 -28.87
C ASP F 72 -27.98 29.57 -30.02
N ASP F 73 -28.07 30.62 -30.84
CA ASP F 73 -28.63 30.61 -32.19
C ASP F 73 -28.42 29.27 -32.91
N ALA F 74 -27.17 28.83 -33.01
CA ALA F 74 -26.78 27.77 -33.92
C ALA F 74 -26.59 26.40 -33.28
N GLN F 75 -26.84 26.30 -31.98
CA GLN F 75 -26.75 25.01 -31.30
C GLN F 75 -27.77 24.03 -31.85
N GLY F 76 -28.94 24.52 -32.22
CA GLY F 76 -30.01 23.68 -32.71
C GLY F 76 -29.70 22.95 -34.01
N GLU F 77 -29.04 23.62 -34.93
CA GLU F 77 -28.75 23.03 -36.23
C GLU F 77 -27.47 22.20 -36.17
N GLY F 78 -26.73 22.33 -35.07
CA GLY F 78 -25.46 21.64 -34.94
C GLY F 78 -24.44 22.27 -35.86
N LEU F 79 -24.52 23.59 -36.00
CA LEU F 79 -23.56 24.33 -36.80
C LEU F 79 -22.16 24.24 -36.20
N GLY F 80 -22.08 24.30 -34.87
CA GLY F 80 -20.80 24.17 -34.19
C GLY F 80 -20.20 22.80 -34.46
N ARG F 81 -21.03 21.76 -34.42
CA ARG F 81 -20.53 20.41 -34.64
C ARG F 81 -19.98 20.26 -36.05
N ALA F 82 -20.64 20.89 -37.01
CA ALA F 82 -20.24 20.81 -38.40
C ALA F 82 -18.86 21.45 -38.60
N VAL F 83 -18.68 22.63 -38.03
CA VAL F 83 -17.41 23.33 -38.10
C VAL F 83 -16.31 22.51 -37.42
N TRP F 84 -16.59 22.00 -36.23
CA TRP F 84 -15.66 21.15 -35.50
C TRP F 84 -15.25 19.93 -36.34
N SER F 85 -16.21 19.31 -37.01
CA SER F 85 -15.90 18.10 -37.76
C SER F 85 -14.98 18.38 -38.97
N ILE F 86 -15.13 19.54 -39.60
CA ILE F 86 -14.25 19.88 -40.71
C ILE F 86 -12.82 20.09 -40.20
N MET F 87 -12.70 20.77 -39.06
CA MET F 87 -11.40 20.92 -38.42
C MET F 87 -10.75 19.58 -38.08
N ARG F 88 -11.51 18.67 -37.48
CA ARG F 88 -10.95 17.37 -37.06
C ARG F 88 -10.39 16.53 -38.19
N GLU F 89 -10.93 16.69 -39.40
CA GLU F 89 -10.42 15.89 -40.48
C GLU F 89 -9.03 16.31 -40.92
N GLU F 90 -8.68 17.56 -40.64
CA GLU F 90 -7.35 18.08 -40.94
C GLU F 90 -6.46 18.07 -39.71
N THR F 91 -7.03 17.73 -38.55
CA THR F 91 -6.35 17.95 -37.27
C THR F 91 -6.44 16.74 -36.33
N PRO F 92 -5.51 15.78 -36.48
CA PRO F 92 -5.62 14.58 -35.64
C PRO F 92 -5.20 14.78 -34.19
N GLN F 93 -4.36 15.78 -33.93
CA GLN F 93 -3.94 16.10 -32.57
C GLN F 93 -4.26 17.55 -32.24
N LEU F 94 -4.86 17.78 -31.09
CA LEU F 94 -5.11 19.14 -30.64
C LEU F 94 -5.36 19.16 -29.15
N PHE F 95 -5.27 20.33 -28.54
CA PHE F 95 -5.65 20.48 -27.14
C PHE F 95 -6.32 21.82 -26.94
N TRP F 96 -7.05 21.94 -25.83
CA TRP F 96 -7.81 23.16 -25.55
C TRP F 96 -8.23 23.19 -24.11
N ARG F 97 -8.78 24.33 -23.68
CA ARG F 97 -9.20 24.46 -22.29
C ARG F 97 -10.60 25.01 -22.20
N SER F 98 -11.24 24.81 -21.05
CA SER F 98 -12.60 25.25 -20.84
C SER F 98 -12.80 25.64 -19.37
N ARG F 99 -13.61 26.67 -19.11
CA ARG F 99 -13.98 26.97 -17.74
C ARG F 99 -14.94 25.88 -17.26
N HIS F 100 -15.04 25.70 -15.95
CA HIS F 100 -15.63 24.49 -15.38
C HIS F 100 -17.12 24.26 -15.67
N ASN F 101 -17.89 25.34 -15.85
CA ASN F 101 -19.32 25.19 -16.03
C ASN F 101 -19.77 25.61 -17.43
N ASN F 102 -18.87 25.46 -18.39
CA ASN F 102 -19.14 25.80 -19.78
C ASN F 102 -20.22 24.87 -20.38
N GLN F 103 -21.20 25.48 -21.05
CA GLN F 103 -22.26 24.72 -21.72
C GLN F 103 -21.72 23.76 -22.77
N ALA F 104 -20.51 24.02 -23.25
CA ALA F 104 -19.88 23.19 -24.28
C ALA F 104 -19.17 21.98 -23.69
N ASN F 105 -19.08 21.90 -22.37
CA ASN F 105 -18.31 20.81 -21.78
C ASN F 105 -18.88 19.43 -22.10
N ALA F 106 -20.20 19.30 -22.19
CA ALA F 106 -20.79 18.02 -22.56
C ALA F 106 -20.25 17.54 -23.90
N PHE F 107 -20.22 18.43 -24.88
CA PHE F 107 -19.63 18.17 -26.18
C PHE F 107 -18.13 17.83 -26.07
N TYR F 108 -17.39 18.58 -25.27
CA TYR F 108 -15.96 18.31 -25.09
C TYR F 108 -15.72 16.94 -24.47
N TYR F 109 -16.51 16.60 -23.45
CA TYR F 109 -16.38 15.28 -22.81
C TYR F 109 -16.55 14.18 -23.85
N ALA F 110 -17.54 14.34 -24.72
CA ALA F 110 -17.86 13.34 -25.73
C ALA F 110 -16.85 13.28 -26.87
N GLU F 111 -16.26 14.42 -27.24
CA GLU F 111 -15.37 14.52 -28.38
C GLU F 111 -13.91 14.24 -28.08
N SER F 112 -13.49 14.53 -26.85
CA SER F 112 -12.08 14.43 -26.47
C SER F 112 -11.60 12.99 -26.32
N ASP F 113 -10.28 12.83 -26.32
CA ASP F 113 -9.65 11.57 -25.97
C ASP F 113 -9.11 11.59 -24.55
N GLY F 114 -9.24 12.73 -23.88
CA GLY F 114 -8.81 12.82 -22.49
C GLY F 114 -8.99 14.23 -21.98
N TYR F 115 -8.92 14.37 -20.66
CA TYR F 115 -8.82 15.68 -20.05
C TYR F 115 -8.17 15.62 -18.67
N TYR F 116 -7.85 16.80 -18.16
CA TYR F 116 -7.18 16.95 -16.88
C TYR F 116 -7.61 18.27 -16.28
N LYS F 117 -8.08 18.26 -15.05
CA LYS F 117 -8.52 19.49 -14.38
C LYS F 117 -7.38 20.09 -13.59
N GLN F 118 -7.10 21.38 -13.80
CA GLN F 118 -6.11 22.08 -12.99
C GLN F 118 -6.31 23.60 -12.98
N ASP F 119 -6.25 24.19 -11.79
CA ASP F 119 -6.35 25.65 -11.63
C ASP F 119 -7.57 26.27 -12.32
N HIS F 120 -8.74 25.72 -12.04
CA HIS F 120 -10.02 26.18 -12.61
C HIS F 120 -10.07 26.18 -14.15
N TRP F 121 -9.24 25.34 -14.77
CA TRP F 121 -9.40 25.00 -16.17
C TRP F 121 -9.67 23.50 -16.29
N LYS F 122 -10.49 23.13 -17.27
CA LYS F 122 -10.55 21.77 -17.73
C LYS F 122 -9.73 21.72 -19.01
N ILE F 123 -8.69 20.89 -19.06
CA ILE F 123 -7.81 20.82 -20.23
C ILE F 123 -8.09 19.54 -21.00
N PHE F 124 -8.53 19.68 -22.26
CA PHE F 124 -8.91 18.56 -23.11
C PHE F 124 -7.89 18.30 -24.22
N TRP F 125 -7.82 17.08 -24.73
CA TRP F 125 -7.01 16.84 -25.91
C TRP F 125 -7.59 15.74 -26.77
N ASN F 126 -7.12 15.70 -28.02
CA ASN F 126 -7.34 14.58 -28.93
C ASN F 126 -6.01 14.08 -29.48
N GLY F 127 -5.90 12.78 -29.65
CA GLY F 127 -4.82 12.21 -30.44
C GLY F 127 -3.44 12.19 -29.80
N LEU F 128 -3.38 12.33 -28.48
CA LEU F 128 -2.10 12.31 -27.77
C LEU F 128 -1.88 10.97 -27.10
N HIS F 129 -0.70 10.38 -27.34
CA HIS F 129 -0.43 9.02 -26.89
C HIS F 129 0.73 8.94 -25.89
N HIS F 130 1.45 10.05 -25.73
CA HIS F 130 2.57 10.13 -24.79
C HIS F 130 2.21 11.05 -23.64
N PHE F 131 2.38 10.58 -22.41
CA PHE F 131 1.93 11.38 -21.27
C PHE F 131 2.85 12.56 -20.99
N GLN F 132 4.09 12.50 -21.47
CA GLN F 132 4.97 13.67 -21.41
C GLN F 132 4.40 14.83 -22.24
N GLN F 133 3.89 14.53 -23.43
CA GLN F 133 3.26 15.56 -24.26
C GLN F 133 1.96 16.06 -23.61
N ILE F 134 1.18 15.15 -23.04
CA ILE F 134 -0.04 15.55 -22.35
C ILE F 134 0.30 16.54 -21.22
N GLN F 135 1.32 16.22 -20.43
CA GLN F 135 1.73 17.10 -19.34
C GLN F 135 2.17 18.48 -19.86
N GLN F 136 2.88 18.50 -20.99
CA GLN F 136 3.29 19.77 -21.59
C GLN F 136 2.09 20.62 -22.03
N CYS F 137 1.09 19.98 -22.63
CA CYS F 137 -0.13 20.67 -23.02
C CYS F 137 -0.85 21.24 -21.81
N VAL F 138 -0.88 20.47 -20.72
CA VAL F 138 -1.52 20.95 -19.51
C VAL F 138 -0.79 22.19 -19.00
N ALA F 139 0.54 22.12 -19.00
CA ALA F 139 1.37 23.25 -18.57
C ALA F 139 1.10 24.50 -19.40
N HIS F 140 0.97 24.34 -20.72
CA HIS F 140 0.66 25.48 -21.59
C HIS F 140 -0.67 26.12 -21.23
N CYS F 141 -1.70 25.31 -21.01
CA CYS F 141 -3.02 25.85 -20.71
C CYS F 141 -3.07 26.59 -19.39
N THR F 142 -2.33 26.09 -18.41
CA THR F 142 -2.36 26.72 -17.10
C THR F 142 -1.62 28.06 -17.14
N GLN F 143 -0.61 28.16 -18.00
CA GLN F 143 0.23 29.36 -18.07
C GLN F 143 -0.30 30.42 -19.02
N HIS F 144 -1.10 30.02 -20.01
CA HIS F 144 -1.53 30.92 -21.06
C HIS F 144 -2.50 31.99 -20.53
N PRO F 145 -2.16 33.28 -20.69
CA PRO F 145 -3.07 34.32 -20.19
C PRO F 145 -4.48 34.21 -20.79
N PRO F 146 -5.50 34.57 -20.00
CA PRO F 146 -6.85 34.65 -20.55
C PRO F 146 -6.96 35.74 -21.62
N THR F 147 -7.72 35.48 -22.67
CA THR F 147 -7.94 36.49 -23.71
C THR F 147 -9.40 36.93 -23.79
N LEU F 148 -10.22 36.42 -22.87
CA LEU F 148 -11.57 36.94 -22.65
C LEU F 148 -11.57 37.62 -21.30
N ILE F 149 -12.28 38.74 -21.22
CA ILE F 149 -12.24 39.52 -19.99
C ILE F 149 -13.63 39.97 -19.60
N ASP F 150 -13.79 40.35 -18.33
CA ASP F 150 -15.06 40.80 -17.77
C ASP F 150 -16.17 39.78 -17.98
N VAL G 5 25.90 -8.49 -11.37
CA VAL G 5 24.48 -8.39 -11.70
C VAL G 5 23.95 -6.98 -11.43
N ILE G 6 23.43 -6.35 -12.48
CA ILE G 6 22.83 -5.03 -12.38
C ILE G 6 21.52 -5.10 -11.61
N ARG G 7 21.39 -4.27 -10.60
CA ARG G 7 20.13 -4.14 -9.88
C ARG G 7 19.53 -2.77 -10.21
N ALA G 8 18.26 -2.75 -10.62
CA ALA G 8 17.64 -1.51 -11.05
C ALA G 8 16.23 -1.36 -10.49
N THR G 9 15.85 -0.15 -10.11
CA THR G 9 14.48 0.08 -9.66
C THR G 9 13.71 0.97 -10.63
N THR G 10 14.34 1.32 -11.75
CA THR G 10 13.65 2.06 -12.82
C THR G 10 14.16 1.57 -14.17
N TRP G 11 13.28 1.57 -15.18
CA TRP G 11 13.66 1.12 -16.51
C TRP G 11 14.74 2.02 -17.11
N LYS G 12 14.81 3.26 -16.62
CA LYS G 12 15.79 4.23 -17.12
C LYS G 12 17.23 3.78 -16.91
N ASP G 13 17.43 2.87 -15.95
CA ASP G 13 18.78 2.41 -15.64
C ASP G 13 19.15 1.13 -16.38
N LEU G 14 18.34 0.77 -17.37
CA LEU G 14 18.61 -0.43 -18.18
C LEU G 14 18.62 -0.12 -19.67
N ASP G 15 19.36 -0.95 -20.41
CA ASP G 15 19.38 -0.93 -21.86
C ASP G 15 18.17 -1.72 -22.36
N LEU G 16 17.09 -1.02 -22.67
CA LEU G 16 15.83 -1.72 -22.93
C LEU G 16 15.82 -2.51 -24.24
N PRO G 17 16.37 -1.95 -25.35
CA PRO G 17 16.47 -2.80 -26.54
C PRO G 17 17.28 -4.10 -26.29
N ARG G 18 18.34 -3.99 -25.52
CA ARG G 18 19.15 -5.16 -25.17
C ARG G 18 18.38 -6.16 -24.29
N LEU G 19 17.61 -5.62 -23.34
CA LEU G 19 16.80 -6.45 -22.49
C LEU G 19 15.68 -7.13 -23.26
N GLN G 20 15.04 -6.40 -24.17
CA GLN G 20 14.02 -7.01 -25.03
C GLN G 20 14.62 -8.14 -25.85
N HIS G 21 15.82 -7.93 -26.39
CA HIS G 21 16.47 -8.97 -27.18
C HIS G 21 16.74 -10.23 -26.34
N LEU G 22 17.22 -10.04 -25.11
CA LEU G 22 17.43 -11.16 -24.19
C LEU G 22 16.13 -11.92 -23.94
N ILE G 23 15.07 -11.19 -23.65
CA ILE G 23 13.78 -11.84 -23.36
C ILE G 23 13.27 -12.60 -24.59
N GLN G 24 13.32 -11.97 -25.75
CA GLN G 24 12.82 -12.61 -26.96
C GLN G 24 13.68 -13.81 -27.36
N SER G 25 14.98 -13.71 -27.17
CA SER G 25 15.87 -14.83 -27.51
C SER G 25 15.64 -16.02 -26.59
N SER G 26 15.44 -15.74 -25.30
CA SER G 26 15.26 -16.77 -24.29
C SER G 26 13.94 -17.52 -24.50
N PHE G 27 12.88 -16.77 -24.79
CA PHE G 27 11.55 -17.37 -24.91
C PHE G 27 11.14 -17.78 -26.32
N ARG G 28 11.84 -17.29 -27.34
CA ARG G 28 11.43 -17.48 -28.75
C ARG G 28 10.01 -16.99 -28.98
N ARG G 29 9.66 -15.89 -28.31
CA ARG G 29 8.37 -15.25 -28.46
C ARG G 29 8.63 -13.75 -28.55
N THR G 30 7.61 -13.00 -28.94
CA THR G 30 7.79 -11.56 -29.12
C THR G 30 7.28 -10.82 -27.89
N LEU G 31 8.08 -9.89 -27.41
CA LEU G 31 7.67 -9.05 -26.30
C LEU G 31 6.65 -8.05 -26.84
N ILE G 32 5.52 -7.90 -26.16
CA ILE G 32 4.48 -7.03 -26.71
C ILE G 32 4.98 -5.60 -26.81
N PRO G 33 4.51 -4.88 -27.84
CA PRO G 33 4.80 -3.45 -27.94
C PRO G 33 4.41 -2.72 -26.67
N HIS G 34 5.22 -1.74 -26.28
CA HIS G 34 4.97 -0.89 -25.12
C HIS G 34 5.07 -1.65 -23.80
N TYR G 35 5.71 -2.82 -23.82
CA TYR G 35 5.88 -3.58 -22.59
C TYR G 35 6.50 -2.72 -21.48
N PHE G 36 7.63 -2.06 -21.75
CA PHE G 36 8.30 -1.36 -20.66
C PHE G 36 7.49 -0.17 -20.16
N GLU G 37 6.80 0.50 -21.08
CA GLU G 37 5.99 1.68 -20.74
C GLU G 37 4.75 1.31 -19.91
N THR G 38 4.31 0.06 -20.01
CA THR G 38 3.08 -0.35 -19.33
C THR G 38 3.31 -1.36 -18.21
N THR G 39 4.58 -1.60 -17.89
CA THR G 39 4.93 -2.55 -16.84
C THR G 39 5.57 -1.78 -15.68
N PRO G 40 4.87 -1.70 -14.55
CA PRO G 40 5.40 -0.95 -13.40
C PRO G 40 6.48 -1.74 -12.69
N LEU G 41 7.73 -1.29 -12.84
CA LEU G 41 8.85 -2.06 -12.29
C LEU G 41 8.96 -1.94 -10.78
N LEU G 42 9.10 -3.10 -10.12
CA LEU G 42 9.46 -3.11 -8.72
C LEU G 42 10.98 -3.11 -8.65
N ARG G 43 11.60 -4.17 -9.17
CA ARG G 43 13.03 -4.14 -9.42
C ARG G 43 13.39 -5.21 -10.41
N ALA G 44 14.53 -4.99 -11.06
CA ALA G 44 15.08 -5.89 -12.05
C ALA G 44 16.50 -6.28 -11.66
N TYR G 45 16.87 -7.50 -12.05
CA TYR G 45 18.20 -8.05 -11.87
C TYR G 45 18.65 -8.51 -13.25
N VAL G 46 19.73 -7.95 -13.77
CA VAL G 46 20.16 -8.25 -15.13
C VAL G 46 21.65 -8.53 -15.11
N SER G 47 22.08 -9.68 -15.63
CA SER G 47 23.50 -9.99 -15.68
C SER G 47 24.23 -8.94 -16.51
N GLU G 48 25.51 -8.74 -16.20
CA GLU G 48 26.31 -7.67 -16.81
C GLU G 48 26.20 -7.62 -18.33
N ASN G 49 26.22 -8.77 -18.97
CA ASN G 49 26.16 -8.83 -20.43
C ASN G 49 24.82 -9.26 -20.95
N TYR G 50 23.79 -9.07 -20.13
CA TYR G 50 22.40 -9.30 -20.56
C TYR G 50 22.17 -10.73 -21.08
N ARG G 51 22.62 -11.72 -20.30
CA ARG G 51 22.43 -13.12 -20.65
C ARG G 51 21.46 -13.83 -19.71
N ALA G 52 21.05 -13.14 -18.65
CA ALA G 52 19.99 -13.62 -17.76
C ALA G 52 19.36 -12.43 -17.06
N ALA G 53 18.05 -12.52 -16.78
CA ALA G 53 17.36 -11.42 -16.12
C ALA G 53 16.15 -11.92 -15.32
N VAL G 54 15.91 -11.24 -14.20
CA VAL G 54 14.68 -11.39 -13.42
C VAL G 54 14.00 -10.02 -13.30
N ILE G 55 12.72 -9.96 -13.65
CA ILE G 55 11.92 -8.74 -13.54
C ILE G 55 10.79 -8.96 -12.56
N LEU G 56 10.75 -8.14 -11.49
CA LEU G 56 9.67 -8.16 -10.50
C LEU G 56 8.75 -6.96 -10.67
N THR G 57 7.45 -7.17 -10.49
CA THR G 57 6.44 -6.09 -10.39
C THR G 57 5.62 -6.29 -9.11
N LYS G 58 4.80 -5.30 -8.74
CA LYS G 58 3.99 -5.43 -7.53
C LYS G 58 2.68 -4.64 -7.63
N LEU G 59 1.79 -5.11 -8.50
CA LEU G 59 0.44 -4.57 -8.60
C LEU G 59 -0.38 -4.82 -7.34
N GLY G 60 -0.17 -5.99 -6.76
CA GLY G 60 -0.94 -6.39 -5.59
C GLY G 60 -0.11 -6.39 -4.32
N ASN G 61 -0.48 -7.29 -3.42
CA ASN G 61 0.17 -7.35 -2.11
C ASN G 61 1.49 -8.10 -2.15
N VAL G 62 1.68 -8.96 -3.14
CA VAL G 62 2.85 -9.83 -3.22
C VAL G 62 3.67 -9.52 -4.47
N PRO G 63 5.00 -9.44 -4.35
CA PRO G 63 5.80 -9.28 -5.57
C PRO G 63 5.56 -10.42 -6.55
N TYR G 64 5.52 -10.04 -7.83
CA TYR G 64 5.24 -10.94 -8.93
C TYR G 64 6.46 -11.05 -9.83
N LEU G 65 6.93 -12.26 -10.09
CA LEU G 65 8.06 -12.43 -10.99
C LEU G 65 7.55 -12.45 -12.41
N ASP G 66 7.64 -11.32 -13.09
CA ASP G 66 7.02 -11.17 -14.41
C ASP G 66 7.79 -11.83 -15.54
N LYS G 67 9.13 -11.84 -15.43
CA LYS G 67 9.99 -12.47 -16.44
C LYS G 67 11.22 -13.10 -15.79
N PHE G 68 11.48 -14.35 -16.13
CA PHE G 68 12.76 -14.99 -15.84
C PHE G 68 13.31 -15.46 -17.18
N ALA G 69 14.29 -14.73 -17.69
CA ALA G 69 14.83 -14.96 -19.02
C ALA G 69 16.28 -15.37 -18.90
N VAL G 70 16.62 -16.54 -19.42
CA VAL G 70 17.99 -17.04 -19.38
C VAL G 70 18.35 -17.62 -20.74
N LEU G 71 19.46 -17.15 -21.32
CA LEU G 71 19.92 -17.73 -22.58
C LEU G 71 20.31 -19.20 -22.39
N ASP G 72 20.01 -20.03 -23.39
CA ASP G 72 20.38 -21.43 -23.33
C ASP G 72 21.87 -21.61 -23.03
N ASP G 73 22.69 -20.75 -23.61
CA ASP G 73 24.14 -20.86 -23.47
C ASP G 73 24.65 -20.40 -22.10
N ALA G 74 23.76 -19.89 -21.24
CA ALA G 74 24.17 -19.43 -19.92
C ALA G 74 23.87 -20.46 -18.82
N GLN G 75 23.29 -21.59 -19.20
CA GLN G 75 22.90 -22.60 -18.22
C GLN G 75 24.08 -23.41 -17.66
N GLY G 76 25.11 -23.66 -18.47
CA GLY G 76 26.27 -24.40 -17.99
C GLY G 76 26.89 -23.73 -16.77
N GLU G 77 27.00 -22.41 -16.80
CA GLU G 77 27.61 -21.69 -15.70
C GLU G 77 26.62 -21.40 -14.59
N GLY G 78 25.36 -21.78 -14.79
CA GLY G 78 24.32 -21.56 -13.79
C GLY G 78 23.99 -20.09 -13.58
N LEU G 79 24.07 -19.29 -14.65
CA LEU G 79 23.83 -17.85 -14.52
C LEU G 79 22.42 -17.51 -14.06
N GLY G 80 21.43 -18.18 -14.64
CA GLY G 80 20.06 -17.98 -14.22
C GLY G 80 19.86 -18.30 -12.76
N ARG G 81 20.40 -19.46 -12.34
CA ARG G 81 20.33 -19.88 -10.94
C ARG G 81 20.96 -18.83 -10.03
N ALA G 82 22.08 -18.25 -10.45
CA ALA G 82 22.76 -17.23 -9.65
C ALA G 82 21.93 -15.95 -9.52
N VAL G 83 21.33 -15.49 -10.62
CA VAL G 83 20.51 -14.28 -10.58
C VAL G 83 19.28 -14.54 -9.72
N TRP G 84 18.68 -15.72 -9.86
CA TRP G 84 17.54 -16.10 -9.03
C TRP G 84 17.90 -16.07 -7.55
N SER G 85 19.04 -16.64 -7.19
CA SER G 85 19.46 -16.66 -5.80
CA SER G 85 19.46 -16.66 -5.80
C SER G 85 19.64 -15.26 -5.23
N ILE G 86 20.23 -14.36 -6.01
CA ILE G 86 20.43 -12.98 -5.58
C ILE G 86 19.08 -12.32 -5.31
N MET G 87 18.13 -12.52 -6.23
CA MET G 87 16.79 -11.98 -6.05
C MET G 87 16.14 -12.55 -4.78
N ARG G 88 16.30 -13.85 -4.55
CA ARG G 88 15.63 -14.47 -3.41
C ARG G 88 16.16 -14.00 -2.06
N GLU G 89 17.42 -13.56 -2.02
CA GLU G 89 18.01 -13.04 -0.79
C GLU G 89 17.20 -11.88 -0.22
N GLU G 90 16.54 -11.13 -1.10
CA GLU G 90 15.79 -9.96 -0.66
C GLU G 90 14.34 -9.98 -0.94
N THR G 91 13.87 -11.11 -1.46
CA THR G 91 12.49 -11.24 -1.88
C THR G 91 11.88 -12.45 -1.21
N PRO G 92 11.40 -12.28 0.04
CA PRO G 92 10.93 -13.48 0.76
C PRO G 92 9.57 -14.00 0.29
N GLN G 93 8.76 -13.13 -0.30
CA GLN G 93 7.46 -13.53 -0.84
C GLN G 93 7.43 -13.23 -2.32
N LEU G 94 6.95 -14.19 -3.12
CA LEU G 94 6.99 -14.09 -4.57
CA LEU G 94 6.81 -13.96 -4.54
C LEU G 94 5.97 -15.05 -5.18
N PHE G 95 5.42 -14.72 -6.34
CA PHE G 95 4.67 -15.72 -7.09
C PHE G 95 4.95 -15.49 -8.57
N TRP G 96 4.71 -16.52 -9.38
CA TRP G 96 4.97 -16.42 -10.82
C TRP G 96 4.23 -17.51 -11.56
N ARG G 97 4.23 -17.42 -12.89
CA ARG G 97 3.59 -18.43 -13.72
C ARG G 97 4.52 -18.95 -14.80
N SER G 98 4.16 -20.11 -15.34
CA SER G 98 5.02 -20.81 -16.30
C SER G 98 4.16 -21.62 -17.25
N ARG G 99 4.53 -21.68 -18.53
CA ARG G 99 3.85 -22.60 -19.42
C ARG G 99 4.10 -24.04 -18.98
N HIS G 100 3.18 -24.93 -19.29
CA HIS G 100 3.25 -26.31 -18.78
C HIS G 100 4.51 -27.06 -19.23
N ASN G 101 5.04 -26.71 -20.40
CA ASN G 101 6.20 -27.41 -20.95
C ASN G 101 7.53 -26.61 -20.82
N ASN G 102 7.54 -25.60 -19.96
CA ASN G 102 8.75 -24.77 -19.77
C ASN G 102 9.91 -25.64 -19.31
N GLN G 103 11.07 -25.54 -19.97
CA GLN G 103 12.25 -26.27 -19.53
C GLN G 103 12.68 -25.88 -18.11
N ALA G 104 12.29 -24.69 -17.66
CA ALA G 104 12.61 -24.25 -16.30
C ALA G 104 11.73 -24.88 -15.21
N ASN G 105 10.71 -25.65 -15.59
CA ASN G 105 9.80 -26.14 -14.55
C ASN G 105 10.45 -27.05 -13.52
N ALA G 106 11.42 -27.87 -13.91
CA ALA G 106 12.08 -28.71 -12.90
C ALA G 106 12.76 -27.84 -11.83
N PHE G 107 13.39 -26.75 -12.26
CA PHE G 107 13.95 -25.76 -11.34
C PHE G 107 12.85 -25.12 -10.50
N TYR G 108 11.75 -24.68 -11.12
CA TYR G 108 10.64 -24.10 -10.36
C TYR G 108 10.05 -25.05 -9.30
N TYR G 109 9.91 -26.34 -9.63
CA TYR G 109 9.43 -27.31 -8.66
C TYR G 109 10.36 -27.39 -7.46
N ALA G 110 11.67 -27.35 -7.71
CA ALA G 110 12.64 -27.41 -6.62
C ALA G 110 12.65 -26.13 -5.77
N GLU G 111 12.39 -24.98 -6.39
CA GLU G 111 12.53 -23.69 -5.72
C GLU G 111 11.30 -23.28 -4.94
N SER G 112 10.14 -23.71 -5.41
CA SER G 112 8.88 -23.17 -4.92
C SER G 112 8.39 -23.83 -3.63
N ASP G 113 7.61 -23.07 -2.86
CA ASP G 113 6.94 -23.60 -1.67
C ASP G 113 5.55 -24.11 -2.01
N GLY G 114 5.02 -23.69 -3.15
CA GLY G 114 3.70 -24.11 -3.53
C GLY G 114 3.51 -24.06 -5.03
N TYR G 115 2.47 -24.75 -5.49
CA TYR G 115 2.20 -24.95 -6.90
C TYR G 115 0.71 -25.17 -7.10
N TYR G 116 0.19 -24.61 -8.19
CA TYR G 116 -1.21 -24.80 -8.57
C TYR G 116 -1.29 -24.90 -10.09
N LYS G 117 -1.86 -26.00 -10.58
CA LYS G 117 -2.00 -26.24 -12.02
C LYS G 117 -3.28 -25.62 -12.56
N GLN G 118 -3.17 -24.75 -13.55
CA GLN G 118 -4.33 -24.16 -14.21
C GLN G 118 -4.33 -24.50 -15.70
N ASP G 119 -5.34 -24.01 -16.40
CA ASP G 119 -5.58 -24.42 -17.78
C ASP G 119 -4.46 -23.96 -18.72
N HIS G 120 -4.03 -22.71 -18.56
CA HIS G 120 -3.03 -22.13 -19.46
C HIS G 120 -1.66 -22.03 -18.83
N TRP G 121 -1.60 -22.24 -17.53
CA TRP G 121 -0.40 -21.92 -16.75
C TRP G 121 -0.19 -22.87 -15.59
N LYS G 122 1.07 -23.07 -15.24
CA LYS G 122 1.46 -23.60 -13.94
C LYS G 122 1.82 -22.41 -13.06
N ILE G 123 1.32 -22.39 -11.83
CA ILE G 123 1.51 -21.24 -10.93
C ILE G 123 2.32 -21.66 -9.72
N PHE G 124 3.28 -20.83 -9.35
CA PHE G 124 4.23 -21.13 -8.27
C PHE G 124 4.32 -19.98 -7.28
N TRP G 125 4.71 -20.27 -6.05
CA TRP G 125 4.95 -19.18 -5.10
C TRP G 125 5.95 -19.58 -4.04
N ASN G 126 6.51 -18.58 -3.38
CA ASN G 126 7.35 -18.74 -2.20
C ASN G 126 6.85 -17.84 -1.09
N GLY G 127 6.89 -18.32 0.16
CA GLY G 127 6.73 -17.44 1.31
C GLY G 127 5.32 -16.99 1.64
N LEU G 128 4.32 -17.66 1.07
CA LEU G 128 2.90 -17.34 1.35
C LEU G 128 2.28 -18.37 2.26
N HIS G 129 1.64 -17.90 3.33
CA HIS G 129 1.07 -18.86 4.28
C HIS G 129 -0.37 -18.58 4.63
N HIS G 130 -1.00 -17.70 3.87
CA HIS G 130 -2.44 -17.47 4.01
C HIS G 130 -3.11 -17.87 2.70
N PHE G 131 -4.12 -18.74 2.79
CA PHE G 131 -4.72 -19.28 1.57
C PHE G 131 -5.55 -18.25 0.81
N GLN G 132 -6.02 -17.22 1.51
CA GLN G 132 -6.68 -16.10 0.85
C GLN G 132 -5.74 -15.43 -0.16
N GLN G 133 -4.51 -15.15 0.29
CA GLN G 133 -3.52 -14.53 -0.56
C GLN G 133 -3.12 -15.45 -1.71
N ILE G 134 -2.94 -16.74 -1.41
CA ILE G 134 -2.62 -17.71 -2.44
C ILE G 134 -3.72 -17.73 -3.52
N GLN G 135 -4.98 -17.74 -3.10
CA GLN G 135 -6.08 -17.76 -4.06
C GLN G 135 -6.08 -16.50 -4.93
N GLN G 136 -5.79 -15.36 -4.33
CA GLN G 136 -5.69 -14.11 -5.08
C GLN G 136 -4.53 -14.12 -6.08
N CYS G 137 -3.41 -14.71 -5.69
CA CYS G 137 -2.24 -14.82 -6.55
C CYS G 137 -2.51 -15.74 -7.74
N VAL G 138 -3.14 -16.88 -7.47
CA VAL G 138 -3.50 -17.80 -8.54
C VAL G 138 -4.42 -17.10 -9.53
N ALA G 139 -5.43 -16.39 -9.04
CA ALA G 139 -6.35 -15.70 -9.94
C ALA G 139 -5.63 -14.64 -10.76
N HIS G 140 -4.70 -13.91 -10.15
CA HIS G 140 -3.95 -12.92 -10.91
C HIS G 140 -3.23 -13.58 -12.09
N CYS G 141 -2.58 -14.70 -11.85
CA CYS G 141 -1.86 -15.39 -12.92
C CYS G 141 -2.77 -15.88 -14.05
N THR G 142 -3.97 -16.32 -13.68
CA THR G 142 -4.90 -16.85 -14.69
C THR G 142 -5.48 -15.73 -15.54
N GLN G 143 -5.55 -14.53 -14.98
CA GLN G 143 -6.24 -13.43 -15.63
C GLN G 143 -5.33 -12.44 -16.33
N HIS G 144 -4.11 -12.31 -15.84
CA HIS G 144 -3.18 -11.34 -16.40
C HIS G 144 -2.86 -11.68 -17.85
N PRO G 145 -3.07 -10.74 -18.77
CA PRO G 145 -2.83 -11.02 -20.20
C PRO G 145 -1.39 -11.39 -20.48
N PRO G 146 -1.18 -12.22 -21.51
CA PRO G 146 0.19 -12.56 -21.90
C PRO G 146 0.94 -11.34 -22.43
N THR G 147 2.20 -11.19 -22.04
CA THR G 147 2.99 -10.09 -22.60
C THR G 147 4.12 -10.62 -23.48
N LEU G 148 4.15 -11.93 -23.66
CA LEU G 148 4.92 -12.55 -24.72
C LEU G 148 3.92 -13.20 -25.64
N ILE G 149 4.03 -12.91 -26.93
CA ILE G 149 3.06 -13.38 -27.91
C ILE G 149 3.79 -13.89 -29.14
N ASP G 150 3.04 -14.41 -30.11
CA ASP G 150 3.65 -14.92 -31.32
C ASP G 150 3.14 -14.17 -32.55
N HIS H 3 1.55 -58.15 -15.61
CA HIS H 3 1.05 -56.80 -15.35
C HIS H 3 -0.34 -56.84 -14.73
N MET H 4 -0.59 -57.86 -13.91
CA MET H 4 -1.80 -57.92 -13.10
C MET H 4 -1.63 -57.16 -11.80
N VAL H 5 -2.73 -56.63 -11.28
CA VAL H 5 -2.70 -55.87 -10.04
C VAL H 5 -3.74 -56.39 -9.06
N ILE H 6 -3.29 -56.68 -7.85
CA ILE H 6 -4.17 -57.10 -6.76
C ILE H 6 -4.82 -55.88 -6.12
N ARG H 7 -6.15 -55.87 -6.07
CA ARG H 7 -6.87 -54.79 -5.40
C ARG H 7 -7.60 -55.33 -4.19
N ALA H 8 -7.33 -54.75 -3.02
CA ALA H 8 -7.92 -55.24 -1.78
C ALA H 8 -8.55 -54.11 -0.98
N THR H 9 -9.64 -54.41 -0.27
CA THR H 9 -10.31 -53.43 0.58
C THR H 9 -10.18 -53.80 2.05
N THR H 10 -9.41 -54.84 2.31
CA THR H 10 -9.13 -55.25 3.68
C THR H 10 -7.72 -55.80 3.73
N TRP H 11 -7.02 -55.54 4.83
CA TRP H 11 -5.65 -56.05 4.98
C TRP H 11 -5.61 -57.58 4.98
N LYS H 12 -6.73 -58.20 5.31
CA LYS H 12 -6.82 -59.65 5.34
C LYS H 12 -6.58 -60.31 3.98
N ASP H 13 -6.81 -59.57 2.90
CA ASP H 13 -6.66 -60.14 1.56
C ASP H 13 -5.25 -59.94 0.98
N LEU H 14 -4.35 -59.44 1.82
CA LEU H 14 -2.98 -59.19 1.42
C LEU H 14 -1.96 -59.95 2.26
N ASP H 15 -0.80 -60.21 1.67
CA ASP H 15 0.33 -60.79 2.38
C ASP H 15 1.07 -59.67 3.11
N LEU H 16 0.75 -59.49 4.39
CA LEU H 16 1.26 -58.33 5.13
C LEU H 16 2.78 -58.36 5.38
N PRO H 17 3.36 -59.53 5.72
CA PRO H 17 4.83 -59.48 5.84
C PRO H 17 5.51 -59.15 4.51
N ARG H 18 4.95 -59.64 3.41
CA ARG H 18 5.50 -59.39 2.08
C ARG H 18 5.37 -57.92 1.70
N LEU H 19 4.20 -57.35 2.00
CA LEU H 19 3.95 -55.95 1.74
C LEU H 19 4.86 -55.07 2.61
N GLN H 20 5.03 -55.45 3.87
CA GLN H 20 5.94 -54.73 4.75
C GLN H 20 7.36 -54.74 4.19
N HIS H 21 7.80 -55.89 3.68
CA HIS H 21 9.13 -55.98 3.08
C HIS H 21 9.24 -55.09 1.85
N LEU H 22 8.19 -55.04 1.03
CA LEU H 22 8.20 -54.15 -0.12
C LEU H 22 8.34 -52.69 0.31
N ILE H 23 7.57 -52.29 1.31
CA ILE H 23 7.62 -50.91 1.79
C ILE H 23 8.99 -50.58 2.37
N GLN H 24 9.53 -51.47 3.19
CA GLN H 24 10.83 -51.20 3.81
C GLN H 24 11.97 -51.22 2.80
N SER H 25 11.89 -52.12 1.81
CA SER H 25 12.93 -52.18 0.79
C SER H 25 12.86 -50.94 -0.08
N SER H 26 11.66 -50.43 -0.30
CA SER H 26 11.42 -49.25 -1.12
C SER H 26 11.96 -47.98 -0.52
N PHE H 27 11.58 -47.74 0.72
CA PHE H 27 11.91 -46.51 1.38
C PHE H 27 13.25 -46.57 2.10
N ARG H 28 13.82 -47.77 2.17
CA ARG H 28 15.03 -48.03 2.95
C ARG H 28 14.87 -47.51 4.37
N ARG H 29 13.68 -47.73 4.92
CA ARG H 29 13.37 -47.36 6.30
C ARG H 29 12.52 -48.45 6.92
N THR H 30 12.25 -48.32 8.21
CA THR H 30 11.46 -49.31 8.93
C THR H 30 10.00 -48.87 9.02
N LEU H 31 9.08 -49.78 8.73
CA LEU H 31 7.66 -49.51 8.91
C LEU H 31 7.39 -49.57 10.41
N ILE H 32 6.70 -48.57 10.94
CA ILE H 32 6.45 -48.54 12.39
C ILE H 32 5.70 -49.79 12.83
N PRO H 33 5.99 -50.26 14.06
CA PRO H 33 5.25 -51.41 14.58
C PRO H 33 3.74 -51.16 14.57
N HIS H 34 2.97 -52.23 14.38
CA HIS H 34 1.51 -52.18 14.42
C HIS H 34 0.88 -51.31 13.33
N TYR H 35 1.63 -51.05 12.25
CA TYR H 35 1.12 -50.21 11.15
C TYR H 35 -0.22 -50.70 10.61
N PHE H 36 -0.30 -51.98 10.26
CA PHE H 36 -1.51 -52.49 9.61
C PHE H 36 -2.69 -52.51 10.58
N GLU H 37 -2.39 -52.73 11.87
CA GLU H 37 -3.43 -52.78 12.89
C GLU H 37 -4.03 -51.41 13.17
N THR H 38 -3.27 -50.35 12.92
CA THR H 38 -3.71 -49.01 13.27
C THR H 38 -3.92 -48.10 12.06
N THR H 39 -3.84 -48.65 10.86
CA THR H 39 -4.08 -47.89 9.64
C THR H 39 -5.40 -48.29 8.99
N PRO H 40 -6.34 -47.34 8.89
CA PRO H 40 -7.68 -47.62 8.35
C PRO H 40 -7.66 -47.71 6.82
N LEU H 41 -7.52 -48.93 6.32
CA LEU H 41 -7.39 -49.13 4.89
C LEU H 41 -8.67 -48.76 4.15
N LEU H 42 -8.52 -47.99 3.07
CA LEU H 42 -9.60 -47.72 2.14
C LEU H 42 -9.51 -48.75 1.00
N ARG H 43 -8.42 -48.68 0.25
CA ARG H 43 -8.09 -49.78 -0.64
C ARG H 43 -6.63 -49.75 -1.02
N ALA H 44 -6.11 -50.92 -1.33
CA ALA H 44 -4.73 -51.10 -1.70
C ALA H 44 -4.62 -51.72 -3.08
N TYR H 45 -3.57 -51.34 -3.79
CA TYR H 45 -3.29 -51.83 -5.12
C TYR H 45 -1.87 -52.36 -5.10
N VAL H 46 -1.71 -53.66 -5.34
CA VAL H 46 -0.39 -54.26 -5.24
C VAL H 46 -0.11 -55.06 -6.50
N SER H 47 1.03 -54.81 -7.15
CA SER H 47 1.39 -55.59 -8.33
C SER H 47 1.48 -57.06 -7.92
N GLU H 48 1.18 -57.97 -8.87
CA GLU H 48 1.11 -59.40 -8.58
C GLU H 48 2.34 -59.92 -7.83
N ASN H 49 3.52 -59.47 -8.21
CA ASN H 49 4.73 -59.95 -7.57
C ASN H 49 5.27 -59.00 -6.50
N TYR H 50 4.43 -58.09 -6.03
CA TYR H 50 4.76 -57.22 -4.89
C TYR H 50 6.03 -56.37 -5.12
N ARG H 51 6.12 -55.76 -6.30
CA ARG H 51 7.24 -54.86 -6.60
C ARG H 51 6.77 -53.41 -6.67
N ALA H 52 5.45 -53.21 -6.63
CA ALA H 52 4.88 -51.86 -6.53
C ALA H 52 3.56 -51.91 -5.78
N ALA H 53 3.29 -50.89 -4.98
CA ALA H 53 2.05 -50.80 -4.24
C ALA H 53 1.61 -49.37 -4.01
N VAL H 54 0.30 -49.18 -4.03
CA VAL H 54 -0.36 -47.93 -3.62
C VAL H 54 -1.34 -48.25 -2.51
N ILE H 55 -1.24 -47.53 -1.39
CA ILE H 55 -2.15 -47.70 -0.27
C ILE H 55 -2.94 -46.43 -0.05
N LEU H 56 -4.27 -46.53 -0.14
CA LEU H 56 -5.17 -45.43 0.19
C LEU H 56 -5.80 -45.67 1.56
N THR H 57 -5.90 -44.62 2.38
CA THR H 57 -6.52 -44.75 3.70
C THR H 57 -7.65 -43.73 3.94
N LYS H 58 -8.33 -43.89 5.07
CA LYS H 58 -9.49 -43.07 5.40
C LYS H 58 -9.16 -41.79 6.17
N LEU H 59 -7.87 -41.45 6.20
CA LEU H 59 -7.44 -40.15 6.70
C LEU H 59 -7.91 -39.09 5.72
N GLY H 60 -8.53 -38.03 6.22
CA GLY H 60 -8.91 -36.92 5.35
C GLY H 60 -10.34 -36.95 4.87
N ASN H 61 -10.75 -35.85 4.23
CA ASN H 61 -12.10 -35.73 3.67
C ASN H 61 -12.19 -36.50 2.36
N VAL H 62 -11.08 -36.56 1.64
CA VAL H 62 -10.96 -37.34 0.42
C VAL H 62 -9.87 -38.39 0.64
N PRO H 63 -9.84 -39.45 -0.19
CA PRO H 63 -8.85 -40.51 0.00
C PRO H 63 -7.41 -40.01 0.15
N TYR H 64 -6.72 -40.60 1.10
CA TYR H 64 -5.34 -40.25 1.41
C TYR H 64 -4.41 -41.33 0.90
N LEU H 65 -3.43 -40.95 0.09
CA LEU H 65 -2.47 -41.93 -0.39
C LEU H 65 -1.30 -41.99 0.58
N ASP H 66 -1.31 -43.04 1.42
CA ASP H 66 -0.39 -43.16 2.55
C ASP H 66 0.97 -43.74 2.14
N LYS H 67 0.98 -44.58 1.11
CA LYS H 67 2.22 -45.22 0.64
C LYS H 67 2.18 -45.43 -0.86
N PHE H 68 3.24 -44.99 -1.53
CA PHE H 68 3.55 -45.38 -2.90
C PHE H 68 4.91 -46.02 -2.86
N ALA H 69 4.93 -47.35 -2.83
CA ALA H 69 6.16 -48.11 -2.68
C ALA H 69 6.49 -48.81 -3.99
N VAL H 70 7.63 -48.45 -4.57
CA VAL H 70 8.06 -49.02 -5.86
C VAL H 70 9.52 -49.43 -5.80
N LEU H 71 9.82 -50.66 -6.19
CA LEU H 71 11.21 -51.09 -6.30
C LEU H 71 11.89 -50.48 -7.53
N ASP H 72 13.12 -50.00 -7.37
CA ASP H 72 13.86 -49.41 -8.48
C ASP H 72 14.53 -50.54 -9.26
N ASP H 73 13.95 -51.73 -9.16
CA ASP H 73 14.26 -52.83 -10.05
C ASP H 73 13.08 -52.96 -11.00
N ALA H 74 12.03 -52.19 -10.70
CA ALA H 74 10.83 -52.15 -11.51
C ALA H 74 10.59 -50.76 -12.10
N GLN H 75 11.66 -50.03 -12.36
CA GLN H 75 11.54 -48.76 -13.07
C GLN H 75 11.55 -49.12 -14.56
N GLY H 76 12.27 -50.19 -14.89
CA GLY H 76 12.54 -50.51 -16.27
C GLY H 76 11.37 -50.93 -17.15
N GLU H 77 10.15 -50.83 -16.61
CA GLU H 77 8.93 -51.23 -17.32
C GLU H 77 7.76 -50.24 -17.12
N GLY H 78 7.76 -49.52 -16.01
CA GLY H 78 6.66 -48.59 -15.74
C GLY H 78 5.60 -49.19 -14.83
N LEU H 79 6.04 -50.07 -13.94
CA LEU H 79 5.14 -50.78 -13.04
C LEU H 79 4.43 -49.86 -12.05
N GLY H 80 5.20 -49.00 -11.40
CA GLY H 80 4.61 -48.03 -10.48
C GLY H 80 3.58 -47.16 -11.16
N ARG H 81 3.89 -46.72 -12.39
CA ARG H 81 2.96 -45.89 -13.15
C ARG H 81 1.67 -46.64 -13.48
N ALA H 82 1.79 -47.92 -13.78
CA ALA H 82 0.63 -48.74 -14.10
C ALA H 82 -0.27 -48.90 -12.88
N VAL H 83 0.33 -49.14 -11.72
CA VAL H 83 -0.43 -49.32 -10.48
C VAL H 83 -1.12 -48.02 -10.08
N TRP H 84 -0.40 -46.91 -10.19
CA TRP H 84 -0.97 -45.59 -9.94
C TRP H 84 -2.16 -45.33 -10.87
N SER H 85 -2.02 -45.65 -12.15
CA SER H 85 -3.08 -45.36 -13.13
C SER H 85 -4.38 -46.09 -12.81
N ILE H 86 -4.27 -47.35 -12.40
CA ILE H 86 -5.44 -48.14 -12.03
C ILE H 86 -6.12 -47.52 -10.80
N MET H 87 -5.31 -47.11 -9.83
CA MET H 87 -5.83 -46.39 -8.68
C MET H 87 -6.58 -45.12 -9.12
N ARG H 88 -6.00 -44.36 -10.04
CA ARG H 88 -6.61 -43.08 -10.42
C ARG H 88 -7.94 -43.26 -11.15
N GLU H 89 -8.10 -44.37 -11.84
CA GLU H 89 -9.36 -44.61 -12.51
C GLU H 89 -10.52 -44.81 -11.52
N GLU H 90 -10.18 -45.19 -10.29
CA GLU H 90 -11.21 -45.36 -9.25
C GLU H 90 -11.19 -44.24 -8.23
N THR H 91 -10.26 -43.29 -8.40
CA THR H 91 -9.96 -42.31 -7.34
C THR H 91 -9.76 -40.90 -7.91
N PRO H 92 -10.86 -40.18 -8.19
CA PRO H 92 -10.75 -38.86 -8.81
C PRO H 92 -10.17 -37.80 -7.87
N GLN H 93 -10.39 -37.95 -6.57
CA GLN H 93 -9.87 -37.02 -5.57
C GLN H 93 -8.91 -37.72 -4.62
N LEU H 94 -7.72 -37.15 -4.42
CA LEU H 94 -6.81 -37.69 -3.41
C LEU H 94 -5.77 -36.67 -2.99
N PHE H 95 -5.06 -36.96 -1.91
CA PHE H 95 -3.95 -36.14 -1.48
C PHE H 95 -2.92 -37.04 -0.84
N TRP H 96 -1.70 -36.53 -0.72
CA TRP H 96 -0.58 -37.30 -0.20
C TRP H 96 0.56 -36.37 0.13
N ARG H 97 1.60 -36.90 0.74
CA ARG H 97 2.73 -36.08 1.16
C ARG H 97 4.06 -36.73 0.82
N SER H 98 5.11 -35.92 0.74
CA SER H 98 6.44 -36.43 0.44
CA SER H 98 6.44 -36.47 0.50
C SER H 98 7.52 -35.62 1.16
N ARG H 99 8.67 -36.27 1.39
CA ARG H 99 9.86 -35.62 1.94
C ARG H 99 10.77 -35.17 0.80
N HIS H 100 11.85 -34.48 1.14
CA HIS H 100 12.65 -33.69 0.19
C HIS H 100 12.94 -34.38 -1.12
N ASN H 101 13.48 -35.59 -1.09
CA ASN H 101 13.69 -36.23 -2.38
C ASN H 101 13.35 -37.71 -2.33
N ASN H 102 12.13 -37.96 -1.84
CA ASN H 102 11.38 -39.13 -2.22
C ASN H 102 11.60 -39.37 -3.70
N GLN H 103 11.87 -40.61 -4.07
CA GLN H 103 12.26 -40.93 -5.44
C GLN H 103 11.14 -40.62 -6.44
N ALA H 104 9.91 -40.45 -5.94
CA ALA H 104 8.78 -40.25 -6.82
C ALA H 104 8.42 -38.77 -7.05
N ASN H 105 9.24 -37.86 -6.54
CA ASN H 105 8.87 -36.44 -6.62
C ASN H 105 8.67 -35.89 -8.04
N ALA H 106 9.53 -36.23 -8.99
CA ALA H 106 9.32 -35.74 -10.35
C ALA H 106 7.97 -36.22 -10.89
N PHE H 107 7.64 -37.47 -10.59
CA PHE H 107 6.35 -38.03 -10.94
C PHE H 107 5.22 -37.25 -10.25
N TYR H 108 5.38 -36.99 -8.97
CA TYR H 108 4.36 -36.24 -8.22
C TYR H 108 4.15 -34.85 -8.81
N TYR H 109 5.25 -34.20 -9.20
CA TYR H 109 5.16 -32.87 -9.82
C TYR H 109 4.34 -32.90 -11.12
N ALA H 110 4.48 -33.98 -11.89
CA ALA H 110 3.77 -34.11 -13.16
C ALA H 110 2.31 -34.54 -13.00
N GLU H 111 2.04 -35.32 -11.96
CA GLU H 111 0.72 -35.92 -11.75
C GLU H 111 -0.24 -35.05 -10.95
N SER H 112 0.30 -34.30 -10.00
CA SER H 112 -0.53 -33.53 -9.07
C SER H 112 -1.20 -32.31 -9.71
N ASP H 113 -2.26 -31.83 -9.08
CA ASP H 113 -2.89 -30.58 -9.49
C ASP H 113 -2.34 -29.41 -8.67
N GLY H 114 -1.50 -29.72 -7.69
CA GLY H 114 -0.86 -28.69 -6.91
C GLY H 114 -0.12 -29.27 -5.72
N TYR H 115 0.67 -28.44 -5.06
CA TYR H 115 1.19 -28.80 -3.75
C TYR H 115 1.43 -27.57 -2.88
N TYR H 116 1.62 -27.85 -1.60
CA TYR H 116 1.86 -26.82 -0.60
C TYR H 116 2.90 -27.38 0.37
N LYS H 117 3.94 -26.61 0.63
CA LYS H 117 4.99 -27.06 1.53
C LYS H 117 4.71 -26.60 2.97
N GLN H 118 4.85 -27.53 3.91
CA GLN H 118 4.74 -27.17 5.32
C GLN H 118 5.46 -28.17 6.19
N ASP H 119 6.27 -27.68 7.12
CA ASP H 119 6.95 -28.55 8.09
C ASP H 119 7.73 -29.69 7.40
N HIS H 120 8.51 -29.32 6.39
CA HIS H 120 9.39 -30.25 5.65
C HIS H 120 8.64 -31.33 4.86
N TRP H 121 7.32 -31.17 4.71
CA TRP H 121 6.56 -31.98 3.76
C TRP H 121 6.16 -31.14 2.58
N LYS H 122 6.04 -31.75 1.40
CA LYS H 122 5.19 -31.18 0.37
C LYS H 122 3.89 -31.98 0.36
N ILE H 123 2.79 -31.27 0.42
CA ILE H 123 1.48 -31.91 0.43
C ILE H 123 0.85 -31.73 -0.95
N PHE H 124 0.62 -32.84 -1.64
CA PHE H 124 0.10 -32.86 -3.02
C PHE H 124 -1.38 -33.21 -3.05
N TRP H 125 -2.09 -32.78 -4.09
CA TRP H 125 -3.48 -33.20 -4.25
C TRP H 125 -3.86 -33.36 -5.72
N ASN H 126 -4.93 -34.10 -5.95
CA ASN H 126 -5.63 -34.19 -7.24
C ASN H 126 -7.13 -34.05 -7.01
N GLY H 127 -7.82 -33.41 -7.94
CA GLY H 127 -9.28 -33.39 -7.92
C GLY H 127 -9.92 -32.43 -6.93
N LEU H 128 -9.15 -31.46 -6.44
CA LEU H 128 -9.69 -30.42 -5.57
C LEU H 128 -9.50 -29.04 -6.20
N HIS H 129 -10.58 -28.44 -6.68
CA HIS H 129 -10.51 -27.02 -7.05
C HIS H 129 -11.01 -26.14 -5.87
N HIS H 130 -11.28 -26.77 -4.74
CA HIS H 130 -11.89 -26.08 -3.60
C HIS H 130 -10.82 -25.75 -2.58
N PHE H 131 -10.48 -24.48 -2.48
CA PHE H 131 -9.37 -24.04 -1.63
C PHE H 131 -9.54 -24.41 -0.16
N GLN H 132 -10.78 -24.46 0.30
CA GLN H 132 -11.07 -24.93 1.65
C GLN H 132 -10.63 -26.38 1.77
N GLN H 133 -10.87 -27.15 0.72
CA GLN H 133 -10.49 -28.56 0.72
C GLN H 133 -8.98 -28.72 0.76
N ILE H 134 -8.26 -27.85 0.06
CA ILE H 134 -6.81 -27.90 0.05
C ILE H 134 -6.27 -27.66 1.46
N GLN H 135 -6.80 -26.65 2.14
CA GLN H 135 -6.43 -26.39 3.54
C GLN H 135 -6.69 -27.61 4.41
N GLN H 136 -7.84 -28.25 4.17
CA GLN H 136 -8.23 -29.47 4.87
C GLN H 136 -7.17 -30.56 4.74
N CYS H 137 -6.73 -30.80 3.51
CA CYS H 137 -5.70 -31.77 3.21
C CYS H 137 -4.40 -31.42 3.91
N VAL H 138 -4.00 -30.16 3.80
CA VAL H 138 -2.78 -29.71 4.46
C VAL H 138 -2.86 -29.95 5.96
N ALA H 139 -3.99 -29.56 6.56
CA ALA H 139 -4.23 -29.77 7.99
C ALA H 139 -4.03 -31.23 8.40
N HIS H 140 -4.65 -32.15 7.66
CA HIS H 140 -4.56 -33.57 7.97
C HIS H 140 -3.13 -34.11 7.90
N CYS H 141 -2.37 -33.66 6.92
CA CYS H 141 -1.00 -34.12 6.71
C CYS H 141 -0.02 -33.69 7.78
N THR H 142 -0.14 -32.44 8.21
CA THR H 142 0.80 -31.88 9.17
C THR H 142 0.58 -32.45 10.58
N GLN H 143 -0.67 -32.79 10.88
CA GLN H 143 -0.99 -33.36 12.18
C GLN H 143 -0.62 -34.84 12.27
N HIS H 144 -0.48 -35.48 11.11
CA HIS H 144 -0.29 -36.92 11.06
C HIS H 144 1.18 -37.29 11.27
N PRO H 145 1.45 -38.14 12.26
CA PRO H 145 2.83 -38.56 12.55
C PRO H 145 3.42 -39.42 11.43
N PRO H 146 4.76 -39.45 11.32
CA PRO H 146 5.42 -40.36 10.39
C PRO H 146 5.15 -41.82 10.74
N THR H 147 5.01 -42.66 9.73
CA THR H 147 4.86 -44.10 9.97
C THR H 147 6.03 -44.88 9.38
N LEU H 148 7.04 -44.15 8.92
CA LEU H 148 8.33 -44.72 8.57
C LEU H 148 9.37 -44.21 9.54
N ILE H 149 10.29 -45.09 9.96
CA ILE H 149 11.33 -44.70 10.90
C ILE H 149 12.68 -45.30 10.48
CA NLG I . 16.61 -6.88 10.99
C NLG I . 17.70 -7.90 10.91
OXT NLG I . 18.87 -7.60 10.50
O NLG I . 17.50 -9.10 11.26
CB NLG I . 16.03 -6.70 9.62
CG NLG I . 15.62 -8.01 8.98
CD NLG I . 14.79 -8.00 7.73
OE1 NLG I . 14.16 -6.97 7.43
OE2 NLG I . 14.73 -9.02 6.99
C7 NLG I . 16.42 -4.74 12.30
C8 NLG I . 17.09 -3.44 12.73
O7 NLG I . 15.27 -5.02 12.64
N2 NLG I . 17.17 -5.62 11.44
C1 GOL J . 7.00 -3.59 10.44
O1 GOL J . 7.27 -3.39 9.07
C2 GOL J . 8.33 -3.69 11.20
O2 GOL J . 9.11 -2.55 10.86
C3 GOL J . 8.06 -3.73 12.70
O3 GOL J . 9.28 -3.91 13.39
CL CL K . 6.17 3.45 17.46
CA NLG L . 22.57 25.11 0.14
C NLG L . 23.94 25.61 0.45
OXT NLG L . 24.16 26.85 0.33
O NLG L . 24.86 24.83 0.81
CB NLG L . 21.66 25.30 1.30
CG NLG L . 22.06 24.65 2.59
CD NLG L . 21.07 24.94 3.67
OE1 NLG L . 20.13 24.12 3.88
OE2 NLG L . 21.15 26.01 4.33
C7 NLG L . 21.67 23.15 -1.15
C8 NLG L . 21.82 21.70 -1.57
O7 NLG L . 20.73 23.83 -1.53
N2 NLG L . 22.66 23.72 -0.26
CA NLG M . -10.41 18.37 10.14
C NLG M . -11.63 19.22 10.08
OXT NLG M . -12.59 19.02 10.87
O NLG M . -11.71 20.12 9.21
CB NLG M . -10.66 17.17 9.27
CG NLG M . -10.99 17.49 7.83
CD NLG M . -11.03 16.38 6.81
OE1 NLG M . -10.57 15.25 7.10
OE2 NLG M . -11.54 16.57 5.67
C7 NLG M . -8.84 17.85 12.07
C8 NLG M . -8.70 17.48 13.54
O7 NLG M . -7.85 18.00 11.36
N2 NLG M . -10.18 18.00 11.52
CL CL N . 4.19 13.18 13.63
CL CL O . 9.45 22.57 10.95
CA NLG P . -11.90 -8.00 31.29
C NLG P . -12.53 -7.76 32.60
OXT NLG P . -12.33 -8.58 33.53
O NLG P . -13.28 -6.74 32.79
CB NLG P . -10.49 -7.52 31.26
CG NLG P . -10.24 -6.05 31.55
CD NLG P . -8.78 -5.73 31.63
OE1 NLG P . -8.20 -5.25 30.61
OE2 NLG P . -8.15 -5.96 32.70
C7 NLG P . -12.63 -7.91 28.91
C8 NLG P . -13.47 -7.26 27.82
O7 NLG P . -11.90 -8.88 28.65
N2 NLG P . -12.68 -7.36 30.25
CL CL Q . -7.44 -4.79 37.19
CA NLG R . -16.79 -1.79 -13.18
C NLG R . -15.70 -2.75 -13.41
OXT NLG R . -14.55 -2.35 -13.75
O NLG R . -15.90 -3.99 -13.24
CB NLG R . -17.69 -1.73 -14.38
CG NLG R . -17.06 -1.49 -15.71
CD NLG R . -18.08 -1.38 -16.82
OE1 NLG R . -18.53 -0.25 -17.16
OE2 NLG R . -18.50 -2.45 -17.35
C7 NLG R . -17.07 0.41 -12.07
C8 NLG R . -16.47 1.76 -11.74
O7 NLG R . -18.21 0.12 -11.70
N2 NLG R . -16.26 -0.48 -12.87
CL CL S . -27.83 8.02 -7.60
CL CL T . -30.67 1.73 1.19
CA NLG U . -11.31 29.69 -24.86
C NLG U . -10.00 30.29 -24.49
OXT NLG U . -9.83 31.54 -24.64
O NLG U . -9.06 29.56 -24.04
CB NLG U . -12.33 29.88 -23.77
CG NLG U . -12.08 29.34 -22.40
CD NLG U . -13.25 29.60 -21.49
OE1 NLG U . -14.14 28.71 -21.35
OE2 NLG U . -13.33 30.71 -20.89
C7 NLG U . -12.06 27.68 -26.13
C8 NLG U . -11.83 26.22 -26.46
O7 NLG U . -13.00 28.32 -26.59
N2 NLG U . -11.14 28.30 -25.19
CA NLG V . 6.55 -15.26 -18.08
C NLG V . 5.41 -14.31 -18.08
OXT NLG V . 4.47 -14.44 -17.24
O NLG V . 5.37 -13.38 -18.94
CB NLG V . 6.19 -16.43 -18.97
CG NLG V . 5.78 -16.05 -20.38
CD NLG V . 5.62 -17.14 -21.41
OE1 NLG V . 6.03 -18.29 -21.16
OE2 NLG V . 5.11 -16.87 -22.53
C7 NLG V . 8.15 -15.82 -16.24
C8 NLG V . 8.33 -16.17 -14.77
O7 NLG V . 9.10 -15.73 -17.01
N2 NLG V . 6.79 -15.62 -16.71
C1 GOL W . 17.55 -22.13 -14.60
O1 GOL W . 18.18 -20.91 -14.95
C2 GOL W . 16.43 -22.42 -15.60
O2 GOL W . 16.39 -21.42 -16.61
C3 GOL W . 16.64 -23.79 -16.23
O3 GOL W . 16.60 -24.78 -15.22
CL CL X . 20.96 -21.20 -15.11
CL CL Y . 26.63 -11.94 -18.25
CA NLG Z . 4.69 -41.82 2.57
C NLG Z . 4.13 -41.54 3.92
OXT NLG Z . 4.34 -42.35 4.87
O NLG Z . 3.41 -40.51 4.10
CB NLG Z . 6.14 -41.45 2.50
CG NLG Z . 6.55 -40.05 2.88
CD NLG Z . 8.01 -39.73 2.73
OE1 NLG Z . 8.43 -39.23 1.65
OE2 NLG Z . 8.80 -39.96 3.69
C7 NLG Z . 3.87 -41.62 0.22
C8 NLG Z . 3.06 -40.85 -0.81
O7 NLG Z . 4.47 -42.65 -0.09
N2 NLG Z . 3.93 -41.10 1.58
#